data_1DQR
#
_entry.id   1DQR
#
_cell.length_a   82.695
_cell.length_b   115.272
_cell.length_c   271.841
_cell.angle_alpha   90.00
_cell.angle_beta   90.00
_cell.angle_gamma   90.00
#
_symmetry.space_group_name_H-M   'C 2 2 21'
#
loop_
_entity.id
_entity.type
_entity.pdbx_description
1 polymer 'PHOSPHOGLUCOSE ISOMERASE'
2 non-polymer '6-PHOSPHOGLUCONIC ACID'
3 water water
#
_entity_poly.entity_id   1
_entity_poly.type   'polypeptide(L)'
_entity_poly.pdbx_seq_one_letter_code
;AALTRNPQFQKLQQWHREHGSELNLRHLFDTDKERFNHFSLTLNTNHGHILLDYSKNLVTEEVMHMLLDLAKSRGVEAAR
ESMFNGEKINSTEDRAVLHVALRNRSNTPIVVDGKDVMPEVNKVLDKMKAFCQRVRSGDWKGYTGKTITDVINIGIGGSD
LGPLMVTEALKPYSSGGPRVWFVSNIDGTHIAKTLACLNPESSLFIIASKTFTTQETITNAKTAKDWFLLSAKDPSTVAK
HFVALSTNTAKVKEFGIDPQNMFEFWDWVGGRYSLWSAIGLSIALHVGFDNFEQLLSGAHWMDQHFRTTPLEKNAPVLLA
MLGIWYINCFGCETQAVLPYDQYLHRFAAYFQQGDMESNGKYITKSGARVDHQTGPIVWGEPGTNGQHAFYQLIHQGTKM
IPCDFLIPVQTQHPIRKGLHHKILLANFLAQTEALMKGKSTEEARKELQAAGKSPEDLMKLLPHKVFEGNRPTNSIVFTK
LTPFILGALIAMYEHKIFVQGVVWDINSFDQWGVELGKQLAKKIEPELDGSSPVTSHDSSTNGLINFIKQQREAKIQ
;
_entity_poly.pdbx_strand_id   A,B
#
# COMPACT_ATOMS: atom_id res chain seq x y z
N ALA A 1 10.02 -30.39 -10.49
CA ALA A 1 8.80 -30.29 -9.69
C ALA A 1 8.95 -30.91 -8.33
N ALA A 2 7.94 -30.75 -7.46
CA ALA A 2 8.01 -31.27 -6.09
C ALA A 2 6.64 -31.48 -5.45
N LEU A 3 6.09 -30.34 -4.98
CA LEU A 3 4.80 -30.23 -4.33
C LEU A 3 3.70 -30.94 -5.11
N THR A 4 3.70 -30.73 -6.42
CA THR A 4 2.71 -31.31 -7.30
C THR A 4 2.81 -32.82 -7.40
N ARG A 5 3.85 -33.38 -6.80
CA ARG A 5 4.05 -34.83 -6.82
C ARG A 5 3.37 -35.44 -5.59
N ASN A 6 3.48 -34.75 -4.47
CA ASN A 6 2.90 -35.18 -3.20
C ASN A 6 1.45 -35.63 -3.32
N PRO A 7 1.13 -36.81 -2.75
CA PRO A 7 -0.20 -37.45 -2.72
C PRO A 7 -1.23 -36.65 -1.94
N GLN A 8 -0.81 -36.14 -0.79
CA GLN A 8 -1.68 -35.33 0.05
C GLN A 8 -2.05 -34.06 -0.71
N PHE A 9 -1.12 -33.57 -1.53
CA PHE A 9 -1.39 -32.37 -2.31
C PHE A 9 -2.36 -32.72 -3.42
N GLN A 10 -2.23 -33.94 -3.94
CA GLN A 10 -3.07 -34.40 -5.03
C GLN A 10 -4.48 -34.65 -4.53
N LYS A 11 -4.59 -35.23 -3.34
CA LYS A 11 -5.90 -35.54 -2.76
C LYS A 11 -6.63 -34.24 -2.43
N LEU A 12 -5.87 -33.28 -1.92
CA LEU A 12 -6.43 -31.99 -1.55
C LEU A 12 -6.94 -31.28 -2.81
N GLN A 13 -6.24 -31.45 -3.94
CA GLN A 13 -6.63 -30.84 -5.21
C GLN A 13 -7.86 -31.49 -5.80
N GLN A 14 -7.92 -32.81 -5.77
CA GLN A 14 -9.08 -33.50 -6.33
C GLN A 14 -10.31 -33.22 -5.51
N TRP A 15 -10.15 -33.09 -4.20
CA TRP A 15 -11.30 -32.81 -3.36
C TRP A 15 -11.88 -31.46 -3.76
N HIS A 16 -11.01 -30.46 -3.93
CA HIS A 16 -11.46 -29.13 -4.29
C HIS A 16 -12.18 -29.09 -5.63
N ARG A 17 -11.59 -29.74 -6.63
CA ARG A 17 -12.16 -29.79 -7.97
C ARG A 17 -13.60 -30.30 -7.96
N GLU A 18 -13.92 -31.14 -6.98
CA GLU A 18 -15.25 -31.75 -6.88
C GLU A 18 -16.25 -31.16 -5.90
N HIS A 19 -15.80 -30.71 -4.74
CA HIS A 19 -16.71 -30.15 -3.74
C HIS A 19 -16.48 -28.67 -3.44
N GLY A 20 -15.47 -28.08 -4.07
CA GLY A 20 -15.17 -26.68 -3.81
C GLY A 20 -16.27 -25.67 -4.08
N SER A 21 -16.99 -25.86 -5.18
CA SER A 21 -18.06 -24.95 -5.56
C SER A 21 -19.29 -24.93 -4.67
N GLU A 22 -19.45 -25.96 -3.83
CA GLU A 22 -20.63 -25.99 -2.97
C GLU A 22 -20.39 -25.35 -1.61
N LEU A 23 -19.14 -25.25 -1.20
CA LEU A 23 -18.80 -24.65 0.09
C LEU A 23 -19.39 -23.24 0.26
N ASN A 24 -20.29 -23.09 1.23
CA ASN A 24 -20.93 -21.81 1.48
C ASN A 24 -20.74 -21.44 2.95
N LEU A 25 -20.20 -20.26 3.20
CA LEU A 25 -19.95 -19.81 4.58
C LEU A 25 -21.25 -19.62 5.35
N ARG A 26 -22.26 -19.05 4.70
CA ARG A 26 -23.56 -18.81 5.32
C ARG A 26 -24.17 -20.17 5.72
N HIS A 27 -24.08 -21.13 4.81
CA HIS A 27 -24.61 -22.46 5.08
C HIS A 27 -23.94 -23.08 6.30
N LEU A 28 -22.62 -23.23 6.22
CA LEU A 28 -21.84 -23.83 7.29
C LEU A 28 -22.28 -23.41 8.70
N PHE A 29 -22.34 -22.10 8.94
CA PHE A 29 -22.71 -21.57 10.25
C PHE A 29 -24.09 -21.95 10.79
N ASP A 30 -25.09 -22.09 9.92
CA ASP A 30 -26.42 -22.45 10.42
C ASP A 30 -26.55 -23.94 10.76
N THR A 31 -25.70 -24.75 10.15
CA THR A 31 -25.72 -26.19 10.37
C THR A 31 -24.61 -26.65 11.32
N ASP A 32 -24.05 -25.72 12.08
CA ASP A 32 -22.97 -26.05 13.00
C ASP A 32 -22.79 -24.95 14.06
N LYS A 33 -23.54 -25.08 15.16
CA LYS A 33 -23.48 -24.10 16.25
C LYS A 33 -22.10 -23.99 16.89
N GLU A 34 -21.23 -24.95 16.60
CA GLU A 34 -19.89 -24.98 17.17
C GLU A 34 -18.80 -24.54 16.19
N ARG A 35 -19.18 -24.10 14.99
CA ARG A 35 -18.17 -23.71 14.00
C ARG A 35 -17.10 -22.82 14.63
N PHE A 36 -17.56 -21.80 15.34
CA PHE A 36 -16.62 -20.90 16.00
C PHE A 36 -15.70 -21.66 16.95
N ASN A 37 -16.28 -22.50 17.81
CA ASN A 37 -15.49 -23.27 18.76
C ASN A 37 -14.52 -24.21 18.05
N HIS A 38 -15.01 -24.85 16.99
CA HIS A 38 -14.20 -25.80 16.24
C HIS A 38 -13.13 -25.19 15.34
N PHE A 39 -13.30 -23.94 14.91
CA PHE A 39 -12.29 -23.35 14.01
C PHE A 39 -11.59 -22.09 14.49
N SER A 40 -11.30 -22.02 15.78
CA SER A 40 -10.61 -20.87 16.34
C SER A 40 -9.72 -21.33 17.46
N LEU A 41 -8.78 -20.47 17.84
CA LEU A 41 -7.91 -20.83 18.92
C LEU A 41 -7.51 -19.57 19.65
N THR A 42 -7.67 -19.59 20.96
CA THR A 42 -7.32 -18.46 21.81
C THR A 42 -5.96 -18.73 22.44
N LEU A 43 -5.06 -17.76 22.39
CA LEU A 43 -3.73 -17.94 22.94
C LEU A 43 -3.45 -17.03 24.13
N ASN A 44 -3.13 -17.61 25.27
CA ASN A 44 -2.82 -16.83 26.45
C ASN A 44 -1.30 -16.77 26.52
N THR A 45 -0.77 -15.55 26.46
CA THR A 45 0.67 -15.33 26.50
C THR A 45 1.11 -14.86 27.87
N ASN A 46 0.15 -14.70 28.77
CA ASN A 46 0.39 -14.19 30.13
C ASN A 46 0.63 -12.69 30.07
N HIS A 47 0.80 -12.17 28.86
CA HIS A 47 1.02 -10.74 28.66
C HIS A 47 -0.04 -10.15 27.71
N GLY A 48 -1.17 -10.84 27.63
CA GLY A 48 -2.26 -10.43 26.76
C GLY A 48 -2.75 -11.66 26.02
N HIS A 49 -4.02 -11.67 25.64
CA HIS A 49 -4.61 -12.80 24.91
C HIS A 49 -4.66 -12.52 23.42
N ILE A 50 -4.53 -13.57 22.61
CA ILE A 50 -4.58 -13.45 21.17
C ILE A 50 -5.56 -14.49 20.61
N LEU A 51 -6.71 -14.03 20.12
CA LEU A 51 -7.71 -14.92 19.55
C LEU A 51 -7.56 -14.94 18.03
N LEU A 52 -7.44 -16.13 17.46
CA LEU A 52 -7.31 -16.27 16.01
C LEU A 52 -8.54 -17.02 15.53
N ASP A 53 -9.55 -16.28 15.10
CA ASP A 53 -10.79 -16.89 14.59
C ASP A 53 -10.65 -17.12 13.09
N TYR A 54 -10.49 -18.38 12.70
CA TYR A 54 -10.36 -18.70 11.29
C TYR A 54 -11.58 -19.47 10.81
N SER A 55 -12.72 -19.19 11.45
CA SER A 55 -13.97 -19.89 11.11
C SER A 55 -14.70 -19.35 9.89
N LYS A 56 -14.48 -18.08 9.55
CA LYS A 56 -15.15 -17.52 8.38
C LYS A 56 -14.35 -17.86 7.12
N ASN A 57 -13.94 -19.13 7.03
CA ASN A 57 -13.17 -19.62 5.88
C ASN A 57 -13.88 -20.77 5.16
N LEU A 58 -13.58 -20.91 3.87
CA LEU A 58 -14.16 -21.96 3.04
C LEU A 58 -13.51 -23.29 3.36
N VAL A 59 -13.77 -23.80 4.56
CA VAL A 59 -13.15 -25.04 4.98
C VAL A 59 -14.02 -25.87 5.93
N THR A 60 -13.88 -27.19 5.85
CA THR A 60 -14.62 -28.12 6.72
C THR A 60 -13.58 -28.89 7.52
N GLU A 61 -14.01 -29.67 8.49
CA GLU A 61 -13.06 -30.44 9.29
C GLU A 61 -12.25 -31.38 8.39
N GLU A 62 -12.88 -31.84 7.32
CA GLU A 62 -12.18 -32.72 6.39
C GLU A 62 -11.10 -31.93 5.68
N VAL A 63 -11.42 -30.69 5.30
CA VAL A 63 -10.45 -29.85 4.59
C VAL A 63 -9.25 -29.55 5.47
N MET A 64 -9.52 -29.18 6.72
CA MET A 64 -8.46 -28.86 7.67
C MET A 64 -7.56 -30.07 7.86
N HIS A 65 -8.15 -31.26 7.80
CA HIS A 65 -7.40 -32.48 7.99
C HIS A 65 -6.48 -32.72 6.79
N MET A 66 -7.04 -32.64 5.58
CA MET A 66 -6.22 -32.83 4.40
C MET A 66 -5.09 -31.81 4.40
N LEU A 67 -5.40 -30.57 4.75
CA LEU A 67 -4.39 -29.51 4.79
C LEU A 67 -3.30 -29.82 5.80
N LEU A 68 -3.69 -30.38 6.95
CA LEU A 68 -2.72 -30.71 7.99
C LEU A 68 -1.85 -31.90 7.57
N ASP A 69 -2.44 -32.92 6.97
CA ASP A 69 -1.65 -34.07 6.51
C ASP A 69 -0.57 -33.58 5.55
N LEU A 70 -0.95 -32.62 4.71
CA LEU A 70 -0.06 -32.05 3.72
C LEU A 70 1.14 -31.40 4.39
N ALA A 71 0.87 -30.57 5.39
CA ALA A 71 1.96 -29.87 6.09
C ALA A 71 2.94 -30.86 6.69
N LYS A 72 2.41 -31.97 7.20
CA LYS A 72 3.22 -33.02 7.81
C LYS A 72 3.97 -33.74 6.71
N SER A 73 3.26 -34.07 5.64
CA SER A 73 3.85 -34.77 4.52
C SER A 73 5.00 -34.00 3.84
N ARG A 74 5.00 -32.68 3.98
CA ARG A 74 6.04 -31.84 3.38
C ARG A 74 7.21 -31.61 4.34
N GLY A 75 7.14 -32.23 5.52
CA GLY A 75 8.21 -32.11 6.50
C GLY A 75 8.34 -30.75 7.18
N VAL A 76 7.20 -30.11 7.42
CA VAL A 76 7.20 -28.81 8.08
C VAL A 76 7.93 -28.87 9.40
N GLU A 77 7.62 -29.89 10.20
CA GLU A 77 8.23 -30.05 11.51
C GLU A 77 9.74 -30.23 11.46
N ALA A 78 10.21 -31.12 10.61
CA ALA A 78 11.65 -31.35 10.51
C ALA A 78 12.36 -30.08 10.01
N ALA A 79 11.71 -29.39 9.07
CA ALA A 79 12.27 -28.16 8.51
C ALA A 79 12.35 -27.12 9.63
N ARG A 80 11.29 -27.05 10.43
CA ARG A 80 11.28 -26.10 11.53
C ARG A 80 12.47 -26.36 12.44
N GLU A 81 12.60 -27.62 12.85
CA GLU A 81 13.68 -28.00 13.72
C GLU A 81 15.05 -27.64 13.13
N SER A 82 15.22 -27.88 11.84
CA SER A 82 16.49 -27.57 11.17
C SER A 82 16.82 -26.10 11.28
N MET A 83 15.78 -25.26 11.19
CA MET A 83 15.95 -23.81 11.30
C MET A 83 16.43 -23.44 12.70
N PHE A 84 15.67 -23.85 13.71
CA PHE A 84 16.01 -23.55 15.10
C PHE A 84 17.36 -24.14 15.54
N ASN A 85 17.68 -25.33 15.05
CA ASN A 85 18.94 -25.95 15.44
C ASN A 85 20.19 -25.36 14.76
N GLY A 86 20.02 -24.31 13.95
CA GLY A 86 21.15 -23.66 13.31
C GLY A 86 21.68 -24.27 12.02
N GLU A 87 20.98 -25.23 11.45
CA GLU A 87 21.42 -25.84 10.20
C GLU A 87 21.32 -24.81 9.07
N LYS A 88 22.21 -24.91 8.08
CA LYS A 88 22.21 -23.96 6.96
C LYS A 88 21.12 -24.25 5.93
N ILE A 89 19.87 -24.01 6.31
CA ILE A 89 18.76 -24.26 5.40
C ILE A 89 18.64 -23.28 4.24
N ASN A 90 19.25 -22.10 4.35
CA ASN A 90 19.22 -21.15 3.25
C ASN A 90 20.27 -21.74 2.30
N SER A 91 19.86 -22.80 1.60
CA SER A 91 20.73 -23.53 0.70
C SER A 91 21.52 -22.75 -0.35
N THR A 92 20.84 -21.97 -1.18
CA THR A 92 21.53 -21.23 -2.24
C THR A 92 22.70 -20.35 -1.79
N GLU A 93 22.65 -19.85 -0.57
CA GLU A 93 23.72 -19.00 -0.05
C GLU A 93 24.49 -19.76 1.03
N ASP A 94 24.10 -21.00 1.26
CA ASP A 94 24.73 -21.85 2.27
C ASP A 94 24.84 -21.16 3.63
N ARG A 95 23.75 -20.51 4.06
CA ARG A 95 23.74 -19.79 5.32
C ARG A 95 22.72 -20.37 6.27
N ALA A 96 22.89 -20.05 7.56
CA ALA A 96 21.95 -20.47 8.57
C ALA A 96 20.87 -19.39 8.55
N VAL A 97 19.69 -19.72 9.04
CA VAL A 97 18.59 -18.75 9.10
C VAL A 97 18.21 -18.74 10.56
N LEU A 98 18.79 -17.79 11.29
CA LEU A 98 18.58 -17.68 12.72
C LEU A 98 18.07 -16.38 13.31
N HIS A 99 16.88 -15.95 12.91
CA HIS A 99 16.34 -14.72 13.48
C HIS A 99 15.66 -15.06 14.80
N VAL A 100 15.41 -16.35 15.02
CA VAL A 100 14.82 -16.79 16.28
C VAL A 100 15.89 -16.70 17.38
N ALA A 101 17.16 -16.70 16.96
CA ALA A 101 18.26 -16.62 17.91
C ALA A 101 18.40 -15.21 18.48
N LEU A 102 18.14 -14.21 17.65
CA LEU A 102 18.23 -12.81 18.08
C LEU A 102 17.26 -12.50 19.22
N ARG A 103 16.17 -13.26 19.29
CA ARG A 103 15.12 -13.08 20.29
C ARG A 103 15.04 -14.25 21.25
N ASN A 104 16.07 -15.09 21.24
CA ASN A 104 16.11 -16.26 22.09
C ASN A 104 16.45 -15.90 23.56
N ARG A 105 15.42 -15.43 24.27
CA ARG A 105 15.55 -15.02 25.68
C ARG A 105 15.96 -16.16 26.60
N SER A 106 15.56 -17.38 26.24
CA SER A 106 15.90 -18.55 27.04
C SER A 106 17.40 -18.78 27.04
N ASN A 107 18.06 -18.29 26.00
CA ASN A 107 19.50 -18.43 25.85
C ASN A 107 19.95 -19.87 25.61
N THR A 108 19.03 -20.69 25.09
CA THR A 108 19.37 -22.07 24.80
C THR A 108 20.43 -21.99 23.70
N PRO A 109 21.61 -22.59 23.91
CA PRO A 109 22.62 -22.50 22.86
C PRO A 109 22.16 -22.94 21.48
N ILE A 110 22.66 -22.24 20.47
CA ILE A 110 22.37 -22.51 19.08
C ILE A 110 23.74 -22.48 18.44
N VAL A 111 24.17 -23.63 17.91
CA VAL A 111 25.51 -23.76 17.31
C VAL A 111 25.63 -23.75 15.78
N VAL A 112 26.49 -22.85 15.28
CA VAL A 112 26.81 -22.66 13.84
C VAL A 112 28.25 -22.93 13.52
N ASP A 113 28.67 -24.17 13.28
CA ASP A 113 30.11 -24.36 13.00
C ASP A 113 30.87 -24.35 14.32
N GLY A 114 30.36 -25.22 15.19
CA GLY A 114 30.93 -25.46 16.49
C GLY A 114 31.07 -24.27 17.39
N LYS A 115 30.13 -23.34 17.33
CA LYS A 115 30.18 -22.15 18.18
C LYS A 115 28.76 -21.68 18.49
N ASP A 116 28.43 -21.62 19.77
CA ASP A 116 27.11 -21.14 20.19
C ASP A 116 26.97 -19.67 19.80
N VAL A 117 25.82 -19.33 19.23
CA VAL A 117 25.56 -17.98 18.77
C VAL A 117 25.10 -16.97 19.82
N MET A 118 24.39 -17.44 20.84
CA MET A 118 23.88 -16.55 21.87
C MET A 118 24.87 -15.56 22.50
N PRO A 119 26.08 -16.01 22.87
CA PRO A 119 27.04 -15.09 23.47
C PRO A 119 27.26 -13.83 22.63
N GLU A 120 27.42 -14.03 21.32
CA GLU A 120 27.62 -12.89 20.43
C GLU A 120 26.30 -12.13 20.25
N VAL A 121 25.17 -12.80 20.46
CA VAL A 121 23.89 -12.13 20.34
C VAL A 121 23.70 -11.20 21.53
N ASN A 122 23.95 -11.71 22.73
CA ASN A 122 23.78 -10.91 23.94
C ASN A 122 24.88 -9.85 24.06
N LYS A 123 26.05 -10.14 23.50
CA LYS A 123 27.14 -9.17 23.54
C LYS A 123 26.61 -7.88 22.89
N VAL A 124 26.08 -8.02 21.68
CA VAL A 124 25.54 -6.89 20.93
C VAL A 124 24.35 -6.24 21.60
N LEU A 125 23.43 -7.06 22.10
CA LEU A 125 22.27 -6.52 22.78
C LEU A 125 22.69 -5.62 23.93
N ASP A 126 23.65 -6.09 24.72
CA ASP A 126 24.17 -5.33 25.84
C ASP A 126 24.75 -3.99 25.39
N LYS A 127 25.55 -4.02 24.34
CA LYS A 127 26.18 -2.82 23.81
C LYS A 127 25.15 -1.79 23.33
N MET A 128 24.01 -2.28 22.84
CA MET A 128 22.95 -1.40 22.36
C MET A 128 22.32 -0.67 23.54
N LYS A 129 22.07 -1.41 24.61
CA LYS A 129 21.48 -0.86 25.83
C LYS A 129 22.43 0.17 26.41
N ALA A 130 23.72 -0.14 26.39
CA ALA A 130 24.74 0.77 26.89
C ALA A 130 24.73 2.07 26.10
N PHE A 131 24.69 1.97 24.77
CA PHE A 131 24.68 3.15 23.91
C PHE A 131 23.35 3.87 24.06
N CYS A 132 22.27 3.09 24.07
CA CYS A 132 20.93 3.63 24.22
C CYS A 132 20.91 4.56 25.43
N GLN A 133 21.37 4.04 26.56
CA GLN A 133 21.41 4.81 27.80
C GLN A 133 22.11 6.15 27.65
N ARG A 134 23.31 6.12 27.08
CA ARG A 134 24.12 7.31 26.91
C ARG A 134 23.50 8.36 25.99
N VAL A 135 22.60 7.94 25.12
CA VAL A 135 21.92 8.87 24.20
C VAL A 135 20.61 9.35 24.80
N ARG A 136 19.75 8.40 25.16
CA ARG A 136 18.44 8.69 25.71
C ARG A 136 18.38 9.87 26.66
N SER A 137 19.33 9.95 27.58
CA SER A 137 19.35 11.06 28.53
C SER A 137 20.73 11.69 28.64
N GLY A 138 20.91 12.82 27.96
CA GLY A 138 22.17 13.54 27.97
C GLY A 138 23.35 12.62 27.97
N ASP A 139 24.49 13.12 28.40
CA ASP A 139 25.68 12.29 28.46
C ASP A 139 26.27 11.84 27.12
N TRP A 140 25.60 12.00 25.97
CA TRP A 140 26.32 11.59 24.76
C TRP A 140 26.87 12.87 24.09
N LYS A 141 27.93 12.76 23.30
CA LYS A 141 28.69 13.91 22.74
C LYS A 141 28.44 14.69 21.43
N GLY A 142 27.73 15.82 21.50
CA GLY A 142 27.51 16.63 20.32
C GLY A 142 28.72 17.54 20.13
N TYR A 143 29.50 17.38 19.06
CA TYR A 143 30.69 18.21 18.83
C TYR A 143 30.48 19.61 19.38
N THR A 144 29.22 20.01 19.48
CA THR A 144 28.86 21.29 20.04
C THR A 144 28.81 21.17 21.56
N GLY A 145 28.47 19.97 22.04
CA GLY A 145 28.40 19.70 23.46
C GLY A 145 26.99 19.55 24.00
N LYS A 146 26.02 19.35 23.12
CA LYS A 146 24.64 19.23 23.56
C LYS A 146 24.03 17.85 23.32
N THR A 147 23.11 17.48 24.22
CA THR A 147 22.43 16.18 24.14
C THR A 147 21.82 16.05 22.76
N ILE A 148 21.60 14.82 22.29
CA ILE A 148 21.01 14.64 20.96
C ILE A 148 19.48 14.54 21.01
N THR A 149 18.85 15.39 20.19
CA THR A 149 17.39 15.47 20.09
C THR A 149 16.78 14.58 19.02
N ASP A 150 17.46 14.42 17.89
CA ASP A 150 16.93 13.61 16.81
C ASP A 150 17.86 12.49 16.34
N VAL A 151 17.25 11.34 16.05
CA VAL A 151 17.96 10.16 15.57
C VAL A 151 17.50 9.86 14.14
N ILE A 152 18.44 9.79 13.21
CA ILE A 152 18.09 9.51 11.81
C ILE A 152 18.66 8.17 11.34
N ASN A 153 17.78 7.23 11.06
CA ASN A 153 18.18 5.93 10.56
C ASN A 153 18.22 6.07 9.05
N ILE A 154 19.34 5.67 8.45
CA ILE A 154 19.51 5.73 7.01
C ILE A 154 19.77 4.31 6.52
N GLY A 155 18.79 3.73 5.85
CA GLY A 155 18.90 2.38 5.34
C GLY A 155 17.73 2.04 4.42
N ILE A 156 17.80 0.91 3.71
CA ILE A 156 16.71 0.55 2.81
C ILE A 156 16.29 -0.90 2.90
N GLY A 157 15.05 -1.18 2.51
CA GLY A 157 14.54 -2.54 2.56
C GLY A 157 14.56 -3.10 3.97
N GLY A 158 15.29 -4.19 4.17
CA GLY A 158 15.38 -4.80 5.48
C GLY A 158 15.98 -3.93 6.56
N SER A 159 16.85 -3.00 6.17
CA SER A 159 17.49 -2.10 7.12
C SER A 159 16.66 -0.83 7.27
N ASP A 160 15.35 -0.94 7.06
CA ASP A 160 14.50 0.23 7.17
C ASP A 160 13.03 -0.02 7.56
N LEU A 161 12.33 -0.86 6.80
CA LEU A 161 10.91 -1.14 7.03
C LEU A 161 10.52 -1.59 8.43
N GLY A 162 11.28 -2.53 8.98
CA GLY A 162 11.01 -3.06 10.30
C GLY A 162 11.06 -1.99 11.39
N PRO A 163 12.18 -1.30 11.53
CA PRO A 163 12.33 -0.25 12.55
C PRO A 163 11.27 0.83 12.40
N LEU A 164 10.99 1.22 11.17
CA LEU A 164 9.99 2.24 10.87
C LEU A 164 8.61 1.76 11.30
N MET A 165 8.22 0.59 10.81
CA MET A 165 6.92 0.05 11.14
C MET A 165 6.70 -0.09 12.66
N VAL A 166 7.63 -0.74 13.34
CA VAL A 166 7.54 -0.95 14.78
C VAL A 166 7.49 0.37 15.56
N THR A 167 8.30 1.34 15.15
CA THR A 167 8.35 2.63 15.83
C THR A 167 7.04 3.41 15.69
N GLU A 168 6.39 3.27 14.53
CA GLU A 168 5.13 3.94 14.32
C GLU A 168 4.08 3.21 15.15
N ALA A 169 4.20 1.89 15.23
CA ALA A 169 3.25 1.07 15.95
C ALA A 169 3.35 1.16 17.46
N LEU A 170 4.52 1.51 17.97
CA LEU A 170 4.68 1.59 19.41
C LEU A 170 4.93 3.00 19.94
N LYS A 171 4.37 3.99 19.23
CA LYS A 171 4.52 5.39 19.59
C LYS A 171 4.13 5.68 21.04
N PRO A 172 3.08 5.02 21.55
CA PRO A 172 2.68 5.27 22.95
C PRO A 172 3.77 4.94 23.96
N TYR A 173 4.87 4.37 23.48
CA TYR A 173 5.97 4.03 24.38
C TYR A 173 7.18 4.92 24.06
N SER A 174 6.92 6.02 23.33
CA SER A 174 7.96 7.00 22.93
C SER A 174 8.72 7.55 24.16
N SER A 175 8.00 7.73 25.24
CA SER A 175 8.54 8.04 26.59
C SER A 175 9.89 8.71 26.97
N GLY A 176 10.22 9.92 26.54
CA GLY A 176 11.48 10.52 26.94
C GLY A 176 12.56 10.26 25.92
N GLY A 177 12.17 9.59 24.84
CA GLY A 177 13.10 9.29 23.77
C GLY A 177 13.22 10.43 22.78
N PRO A 178 14.27 10.43 21.97
CA PRO A 178 14.40 11.52 21.00
C PRO A 178 13.52 11.23 19.81
N ARG A 179 13.43 12.18 18.90
CA ARG A 179 12.62 12.01 17.72
C ARG A 179 13.43 11.18 16.74
N VAL A 180 12.79 10.17 16.15
CA VAL A 180 13.46 9.32 15.19
C VAL A 180 12.88 9.54 13.81
N TRP A 181 13.77 9.63 12.82
CA TRP A 181 13.39 9.81 11.43
C TRP A 181 13.92 8.61 10.66
N PHE A 182 13.38 8.38 9.46
CA PHE A 182 13.82 7.26 8.64
C PHE A 182 13.99 7.67 7.18
N VAL A 183 15.23 7.68 6.72
CA VAL A 183 15.56 8.03 5.35
C VAL A 183 16.00 6.76 4.64
N SER A 184 15.39 6.48 3.49
CA SER A 184 15.75 5.26 2.76
C SER A 184 15.92 5.48 1.26
N ASN A 185 14.91 6.04 0.62
CA ASN A 185 14.95 6.28 -0.82
C ASN A 185 16.20 7.03 -1.28
N ILE A 186 16.67 6.66 -2.46
CA ILE A 186 17.84 7.31 -3.02
C ILE A 186 17.35 8.67 -3.50
N ASP A 187 16.07 8.75 -3.79
CA ASP A 187 15.46 9.98 -4.26
C ASP A 187 15.84 11.10 -3.31
N GLY A 188 16.66 12.03 -3.83
CA GLY A 188 17.14 13.14 -3.04
C GLY A 188 16.13 13.90 -2.21
N THR A 189 14.88 13.90 -2.64
CA THR A 189 13.86 14.61 -1.88
C THR A 189 13.73 14.06 -0.48
N HIS A 190 13.98 12.77 -0.34
CA HIS A 190 13.84 12.11 0.96
C HIS A 190 14.77 12.62 2.06
N ILE A 191 16.07 12.65 1.80
CA ILE A 191 16.98 13.10 2.83
C ILE A 191 16.93 14.61 2.98
N ALA A 192 16.76 15.30 1.85
CA ALA A 192 16.69 16.75 1.85
C ALA A 192 15.60 17.29 2.77
N LYS A 193 14.40 16.75 2.66
CA LYS A 193 13.30 17.20 3.49
C LYS A 193 13.46 16.76 4.95
N THR A 194 14.44 15.90 5.20
CA THR A 194 14.69 15.47 6.56
C THR A 194 15.78 16.36 7.15
N LEU A 195 16.82 16.63 6.37
CA LEU A 195 17.92 17.46 6.84
C LEU A 195 17.52 18.91 7.05
N ALA A 196 16.45 19.32 6.39
CA ALA A 196 15.96 20.70 6.49
C ALA A 196 15.36 21.01 7.85
N CYS A 197 14.94 19.98 8.58
CA CYS A 197 14.34 20.18 9.89
C CYS A 197 15.31 19.87 11.03
N LEU A 198 16.50 19.35 10.69
CA LEU A 198 17.48 18.98 11.70
C LEU A 198 18.51 20.04 12.03
N ASN A 199 19.15 19.86 13.18
CA ASN A 199 20.22 20.72 13.64
C ASN A 199 21.43 19.80 13.81
N PRO A 200 22.47 20.01 13.00
CA PRO A 200 23.68 19.19 13.05
C PRO A 200 24.13 18.77 14.45
N GLU A 201 24.57 19.74 15.24
CA GLU A 201 25.07 19.48 16.58
C GLU A 201 24.20 18.65 17.53
N SER A 202 22.93 18.46 17.21
CA SER A 202 22.07 17.69 18.09
C SER A 202 21.50 16.43 17.42
N SER A 203 21.94 16.16 16.20
CA SER A 203 21.46 15.01 15.42
C SER A 203 22.41 13.81 15.44
N LEU A 204 21.85 12.62 15.65
CA LEU A 204 22.62 11.38 15.63
C LEU A 204 22.18 10.53 14.44
N PHE A 205 23.13 10.20 13.56
CA PHE A 205 22.82 9.37 12.39
C PHE A 205 23.20 7.92 12.60
N ILE A 206 22.33 7.02 12.14
CA ILE A 206 22.54 5.59 12.23
C ILE A 206 22.49 4.99 10.83
N ILE A 207 23.66 4.76 10.24
CA ILE A 207 23.73 4.17 8.92
C ILE A 207 23.55 2.67 9.08
N ALA A 208 22.33 2.20 8.84
CA ALA A 208 21.98 0.79 8.96
C ALA A 208 22.15 0.05 7.62
N SER A 209 23.15 -0.80 7.54
CA SER A 209 23.39 -1.57 6.33
C SER A 209 24.19 -2.86 6.57
N LYS A 210 23.56 -4.00 6.32
CA LYS A 210 24.20 -5.29 6.51
C LYS A 210 25.53 -5.40 5.75
N THR A 211 25.47 -5.23 4.43
CA THR A 211 26.67 -5.31 3.60
C THR A 211 27.49 -4.02 3.68
N PHE A 212 26.80 -2.92 3.94
CA PHE A 212 27.39 -1.59 4.00
C PHE A 212 27.94 -1.19 2.63
N THR A 213 27.27 -1.63 1.57
CA THR A 213 27.68 -1.32 0.20
C THR A 213 26.49 -0.95 -0.68
N THR A 214 25.27 -1.12 -0.16
CA THR A 214 24.09 -0.79 -0.94
C THR A 214 24.23 0.64 -1.43
N GLN A 215 23.97 0.86 -2.71
CA GLN A 215 24.10 2.19 -3.29
C GLN A 215 23.23 3.30 -2.70
N GLU A 216 21.96 3.02 -2.43
CA GLU A 216 21.10 4.06 -1.87
C GLU A 216 21.53 4.51 -0.48
N THR A 217 21.87 3.54 0.36
CA THR A 217 22.27 3.83 1.72
C THR A 217 23.59 4.59 1.80
N ILE A 218 24.65 4.02 1.21
CA ILE A 218 25.95 4.67 1.24
C ILE A 218 25.89 6.08 0.65
N THR A 219 25.12 6.28 -0.43
CA THR A 219 25.00 7.59 -1.03
C THR A 219 24.28 8.53 -0.07
N ASN A 220 23.19 8.05 0.52
CA ASN A 220 22.44 8.87 1.47
C ASN A 220 23.34 9.16 2.66
N ALA A 221 24.12 8.17 3.07
CA ALA A 221 25.03 8.34 4.20
C ALA A 221 26.10 9.39 3.89
N LYS A 222 26.69 9.33 2.70
CA LYS A 222 27.70 10.30 2.32
C LYS A 222 27.12 11.70 2.26
N THR A 223 25.84 11.81 1.90
CA THR A 223 25.19 13.12 1.83
C THR A 223 24.87 13.65 3.21
N ALA A 224 24.64 12.76 4.16
CA ALA A 224 24.36 13.18 5.52
C ALA A 224 25.67 13.74 6.07
N LYS A 225 26.74 12.95 5.95
CA LYS A 225 28.05 13.35 6.43
C LYS A 225 28.55 14.66 5.85
N ASP A 226 28.33 14.87 4.56
CA ASP A 226 28.76 16.10 3.91
C ASP A 226 27.93 17.26 4.45
N TRP A 227 26.67 16.97 4.77
CA TRP A 227 25.76 17.97 5.32
C TRP A 227 26.21 18.36 6.71
N PHE A 228 26.51 17.36 7.53
CA PHE A 228 26.96 17.55 8.89
C PHE A 228 28.31 18.27 8.89
N LEU A 229 29.26 17.72 8.13
CA LEU A 229 30.59 18.30 8.03
C LEU A 229 30.54 19.72 7.48
N LEU A 230 29.35 20.17 7.11
CA LEU A 230 29.22 21.52 6.60
C LEU A 230 29.19 22.49 7.76
N SER A 231 28.41 22.17 8.78
CA SER A 231 28.32 23.00 9.97
C SER A 231 29.57 22.73 10.82
N ALA A 232 29.78 21.47 11.17
CA ALA A 232 30.94 21.06 11.96
C ALA A 232 32.04 20.79 10.95
N LYS A 233 33.00 21.70 10.84
CA LYS A 233 34.07 21.55 9.88
C LYS A 233 35.14 20.52 10.22
N ASP A 234 35.09 19.98 11.43
CA ASP A 234 36.08 18.99 11.85
C ASP A 234 35.65 17.56 11.51
N PRO A 235 36.37 16.91 10.58
CA PRO A 235 36.04 15.53 10.18
C PRO A 235 36.19 14.52 11.30
N SER A 236 36.76 14.93 12.42
CA SER A 236 36.94 14.03 13.56
C SER A 236 35.71 14.03 14.46
N THR A 237 34.81 14.97 14.20
CA THR A 237 33.58 15.08 15.01
C THR A 237 32.54 14.09 14.49
N VAL A 238 32.85 13.44 13.38
CA VAL A 238 31.96 12.47 12.77
C VAL A 238 31.66 11.30 13.70
N ALA A 239 32.66 10.89 14.48
CA ALA A 239 32.47 9.78 15.40
C ALA A 239 31.53 10.09 16.56
N LYS A 240 31.08 11.34 16.65
CA LYS A 240 30.18 11.76 17.71
C LYS A 240 28.75 11.87 17.18
N HIS A 241 28.60 11.83 15.84
CA HIS A 241 27.29 11.95 15.20
C HIS A 241 26.95 10.82 14.23
N PHE A 242 27.86 9.86 14.05
CA PHE A 242 27.60 8.74 13.17
C PHE A 242 27.95 7.40 13.79
N VAL A 243 27.01 6.49 13.72
CA VAL A 243 27.16 5.15 14.28
C VAL A 243 26.74 4.19 13.16
N ALA A 244 27.03 2.90 13.29
CA ALA A 244 26.66 1.96 12.23
C ALA A 244 26.21 0.58 12.67
N LEU A 245 25.28 0.02 11.89
CA LEU A 245 24.75 -1.32 12.11
C LEU A 245 25.16 -2.06 10.84
N SER A 246 26.10 -3.01 10.96
CA SER A 246 26.59 -3.74 9.79
C SER A 246 27.46 -4.96 10.19
N THR A 247 28.07 -5.57 9.18
CA THR A 247 28.93 -6.74 9.38
C THR A 247 30.36 -6.48 8.92
N ASN A 248 30.52 -5.57 7.96
CA ASN A 248 31.84 -5.24 7.44
C ASN A 248 32.49 -4.07 8.16
N THR A 249 33.16 -4.39 9.26
CA THR A 249 33.84 -3.38 10.06
C THR A 249 34.76 -2.55 9.16
N ALA A 250 35.45 -3.24 8.26
CA ALA A 250 36.37 -2.59 7.34
C ALA A 250 35.66 -1.48 6.57
N LYS A 251 34.48 -1.79 6.07
CA LYS A 251 33.69 -0.82 5.33
C LYS A 251 33.32 0.34 6.25
N VAL A 252 32.82 0.00 7.44
CA VAL A 252 32.40 0.98 8.43
C VAL A 252 33.47 1.99 8.82
N LYS A 253 34.68 1.51 9.07
CA LYS A 253 35.76 2.42 9.46
C LYS A 253 36.20 3.25 8.28
N GLU A 254 36.01 2.71 7.07
CA GLU A 254 36.37 3.40 5.84
C GLU A 254 35.53 4.68 5.77
N PHE A 255 34.23 4.54 6.05
CA PHE A 255 33.29 5.65 6.03
C PHE A 255 33.68 6.74 7.02
N GLY A 256 34.30 6.35 8.13
CA GLY A 256 34.71 7.31 9.15
C GLY A 256 34.20 6.99 10.55
N ILE A 257 33.44 5.91 10.66
CA ILE A 257 32.88 5.48 11.95
C ILE A 257 33.84 4.50 12.61
N ASP A 258 34.21 4.77 13.87
CA ASP A 258 35.13 3.89 14.59
C ASP A 258 34.47 2.57 15.02
N PRO A 259 35.25 1.47 14.96
CA PRO A 259 34.87 0.09 15.32
C PRO A 259 33.99 -0.16 16.54
N GLN A 260 34.16 0.63 17.60
CA GLN A 260 33.37 0.42 18.81
C GLN A 260 31.96 0.99 18.74
N ASN A 261 31.71 1.79 17.71
CA ASN A 261 30.40 2.38 17.53
C ASN A 261 29.68 1.69 16.37
N MET A 262 30.12 0.47 16.08
CA MET A 262 29.55 -0.36 15.04
C MET A 262 28.85 -1.50 15.75
N PHE A 263 27.54 -1.54 15.66
CA PHE A 263 26.78 -2.61 16.30
C PHE A 263 26.59 -3.63 15.18
N GLU A 264 27.03 -4.85 15.42
CA GLU A 264 26.96 -5.87 14.39
C GLU A 264 25.88 -6.94 14.50
N PHE A 265 25.56 -7.54 13.35
CA PHE A 265 24.63 -8.66 13.30
C PHE A 265 25.33 -9.71 12.46
N TRP A 266 24.63 -10.77 12.03
CA TRP A 266 25.33 -11.82 11.29
C TRP A 266 24.69 -12.27 9.98
N ASP A 267 25.48 -12.88 9.11
CA ASP A 267 24.97 -13.31 7.82
C ASP A 267 23.73 -14.19 7.92
N TRP A 268 23.52 -14.84 9.06
CA TRP A 268 22.35 -15.69 9.19
C TRP A 268 21.11 -14.91 9.56
N VAL A 269 21.26 -13.58 9.66
CA VAL A 269 20.14 -12.67 9.97
C VAL A 269 19.70 -12.06 8.65
N GLY A 270 18.57 -12.54 8.12
CA GLY A 270 18.08 -12.01 6.86
C GLY A 270 17.65 -10.56 7.00
N GLY A 271 17.85 -9.78 5.94
CA GLY A 271 17.47 -8.38 5.99
C GLY A 271 16.03 -8.12 6.40
N ARG A 272 15.11 -8.93 5.86
CA ARG A 272 13.68 -8.75 6.15
C ARG A 272 13.26 -9.40 7.46
N TYR A 273 14.25 -9.84 8.24
CA TYR A 273 14.02 -10.45 9.55
C TYR A 273 15.07 -9.87 10.50
N SER A 274 15.55 -8.66 10.19
CA SER A 274 16.59 -8.05 11.01
C SER A 274 16.20 -7.08 12.14
N LEU A 275 14.97 -6.57 12.13
CA LEU A 275 14.57 -5.61 13.15
C LEU A 275 14.86 -6.10 14.58
N TRP A 276 14.91 -7.41 14.76
CA TRP A 276 15.16 -7.98 16.09
C TRP A 276 16.60 -7.85 16.55
N SER A 277 17.53 -7.65 15.63
CA SER A 277 18.94 -7.53 15.98
C SER A 277 19.33 -6.06 16.15
N ALA A 278 20.61 -5.77 15.93
CA ALA A 278 21.12 -4.42 16.04
C ALA A 278 20.31 -3.46 15.19
N ILE A 279 19.77 -3.94 14.07
CA ILE A 279 18.96 -3.11 13.18
C ILE A 279 17.81 -2.43 13.94
N GLY A 280 17.50 -2.93 15.12
CA GLY A 280 16.44 -2.33 15.90
C GLY A 280 16.97 -1.31 16.89
N LEU A 281 18.14 -0.75 16.61
CA LEU A 281 18.71 0.23 17.52
C LEU A 281 17.81 1.44 17.66
N SER A 282 17.26 1.91 16.54
CA SER A 282 16.35 3.07 16.55
C SER A 282 15.06 2.77 17.32
N ILE A 283 14.65 1.51 17.36
CA ILE A 283 13.46 1.14 18.11
C ILE A 283 13.77 1.29 19.59
N ALA A 284 14.91 0.77 20.00
CA ALA A 284 15.36 0.84 21.39
C ALA A 284 15.58 2.29 21.79
N LEU A 285 16.10 3.09 20.88
CA LEU A 285 16.34 4.49 21.17
C LEU A 285 15.02 5.25 21.31
N HIS A 286 13.97 4.76 20.65
CA HIS A 286 12.67 5.43 20.72
C HIS A 286 11.81 5.04 21.91
N VAL A 287 11.73 3.73 22.21
CA VAL A 287 10.90 3.26 23.32
C VAL A 287 11.66 2.67 24.51
N GLY A 288 12.97 2.90 24.56
CA GLY A 288 13.77 2.35 25.65
C GLY A 288 14.07 0.87 25.45
N PHE A 289 15.11 0.37 26.12
CA PHE A 289 15.48 -1.03 25.97
C PHE A 289 14.48 -1.98 26.62
N ASP A 290 13.76 -1.53 27.64
CA ASP A 290 12.76 -2.40 28.27
C ASP A 290 11.68 -2.78 27.25
N ASN A 291 11.08 -1.78 26.61
CA ASN A 291 10.04 -2.01 25.61
C ASN A 291 10.62 -2.81 24.45
N PHE A 292 11.92 -2.72 24.24
CA PHE A 292 12.54 -3.46 23.16
C PHE A 292 12.64 -4.93 23.56
N GLU A 293 13.29 -5.19 24.68
CA GLU A 293 13.42 -6.55 25.15
C GLU A 293 12.05 -7.20 25.24
N GLN A 294 11.01 -6.37 25.43
CA GLN A 294 9.64 -6.87 25.49
C GLN A 294 9.27 -7.36 24.09
N LEU A 295 9.56 -6.55 23.08
CA LEU A 295 9.30 -6.89 21.69
C LEU A 295 9.99 -8.23 21.39
N LEU A 296 11.24 -8.33 21.83
CA LEU A 296 12.06 -9.52 21.64
C LEU A 296 11.41 -10.76 22.27
N SER A 297 10.72 -10.57 23.38
CA SER A 297 10.07 -11.68 24.06
C SER A 297 8.81 -12.15 23.34
N GLY A 298 7.93 -11.23 22.98
CA GLY A 298 6.70 -11.61 22.29
C GLY A 298 6.99 -12.54 21.11
N ALA A 299 8.06 -12.25 20.38
CA ALA A 299 8.41 -13.09 19.24
C ALA A 299 8.84 -14.44 19.79
N HIS A 300 9.73 -14.39 20.79
CA HIS A 300 10.23 -15.60 21.42
C HIS A 300 9.06 -16.45 21.91
N TRP A 301 8.02 -15.81 22.43
CA TRP A 301 6.86 -16.54 22.91
C TRP A 301 6.29 -17.31 21.73
N MET A 302 6.08 -16.59 20.63
CA MET A 302 5.53 -17.16 19.42
C MET A 302 6.49 -18.20 18.87
N ASP A 303 7.78 -17.91 18.93
CA ASP A 303 8.78 -18.85 18.45
C ASP A 303 8.57 -20.18 19.14
N GLN A 304 8.48 -20.17 20.46
CA GLN A 304 8.27 -21.40 21.25
C GLN A 304 6.90 -22.01 20.96
N HIS A 305 5.90 -21.16 20.79
CA HIS A 305 4.55 -21.63 20.49
C HIS A 305 4.59 -22.45 19.21
N PHE A 306 5.20 -21.88 18.17
CA PHE A 306 5.35 -22.51 16.86
C PHE A 306 6.09 -23.83 16.98
N ARG A 307 7.11 -23.84 17.82
CA ARG A 307 7.92 -25.02 18.01
C ARG A 307 7.27 -26.17 18.78
N THR A 308 6.54 -25.85 19.85
CA THR A 308 5.95 -26.90 20.69
C THR A 308 4.48 -27.25 20.56
N THR A 309 3.76 -26.60 19.65
CA THR A 309 2.35 -26.93 19.55
C THR A 309 2.03 -27.84 18.37
N PRO A 310 1.28 -28.93 18.63
CA PRO A 310 0.93 -29.82 17.53
C PRO A 310 0.28 -29.01 16.40
N LEU A 311 0.55 -29.42 15.16
CA LEU A 311 0.04 -28.74 13.97
C LEU A 311 -1.45 -28.38 13.98
N GLU A 312 -2.29 -29.26 14.50
CA GLU A 312 -3.72 -29.00 14.54
C GLU A 312 -4.11 -27.70 15.26
N LYS A 313 -3.27 -27.25 16.20
CA LYS A 313 -3.52 -26.04 16.98
C LYS A 313 -2.40 -24.99 16.86
N ASN A 314 -1.53 -25.13 15.86
CA ASN A 314 -0.42 -24.22 15.65
C ASN A 314 -0.83 -23.05 14.73
N ALA A 315 -0.94 -21.84 15.32
CA ALA A 315 -1.35 -20.64 14.58
C ALA A 315 -0.63 -20.40 13.27
N PRO A 316 0.71 -20.26 13.31
CA PRO A 316 1.46 -20.02 12.07
C PRO A 316 1.12 -21.09 11.03
N VAL A 317 1.05 -22.34 11.47
CA VAL A 317 0.73 -23.45 10.57
C VAL A 317 -0.67 -23.33 10.00
N LEU A 318 -1.64 -22.98 10.84
CA LEU A 318 -3.01 -22.85 10.39
C LEU A 318 -3.14 -21.67 9.42
N LEU A 319 -2.49 -20.55 9.74
CA LEU A 319 -2.53 -19.39 8.87
C LEU A 319 -1.93 -19.72 7.52
N ALA A 320 -0.82 -20.46 7.54
CA ALA A 320 -0.13 -20.84 6.33
C ALA A 320 -0.92 -21.81 5.46
N MET A 321 -1.48 -22.86 6.05
CA MET A 321 -2.22 -23.82 5.28
C MET A 321 -3.50 -23.26 4.69
N LEU A 322 -4.07 -22.27 5.36
CA LEU A 322 -5.28 -21.65 4.83
C LEU A 322 -4.89 -20.90 3.55
N GLY A 323 -3.75 -20.24 3.60
CA GLY A 323 -3.26 -19.51 2.45
C GLY A 323 -3.01 -20.42 1.26
N ILE A 324 -2.41 -21.57 1.52
CA ILE A 324 -2.10 -22.56 0.47
C ILE A 324 -3.39 -22.98 -0.20
N TRP A 325 -4.41 -23.19 0.63
CA TRP A 325 -5.73 -23.60 0.18
C TRP A 325 -6.23 -22.59 -0.84
N TYR A 326 -6.23 -21.31 -0.47
CA TYR A 326 -6.70 -20.27 -1.38
C TYR A 326 -5.74 -20.00 -2.53
N ILE A 327 -4.45 -20.20 -2.30
CA ILE A 327 -3.45 -19.95 -3.32
C ILE A 327 -3.28 -21.09 -4.34
N ASN A 328 -3.07 -22.31 -3.87
CA ASN A 328 -2.87 -23.43 -4.78
C ASN A 328 -4.11 -24.17 -5.26
N CYS A 329 -5.23 -24.00 -4.57
CA CYS A 329 -6.47 -24.66 -4.97
C CYS A 329 -7.48 -23.70 -5.58
N PHE A 330 -7.75 -22.59 -4.91
CA PHE A 330 -8.69 -21.60 -5.44
C PHE A 330 -8.01 -20.69 -6.47
N GLY A 331 -6.69 -20.56 -6.38
CA GLY A 331 -5.96 -19.72 -7.31
C GLY A 331 -5.97 -18.22 -7.03
N CYS A 332 -6.18 -17.82 -5.79
CA CYS A 332 -6.21 -16.40 -5.45
C CYS A 332 -4.80 -15.80 -5.49
N GLU A 333 -4.67 -14.71 -6.23
CA GLU A 333 -3.39 -14.03 -6.37
C GLU A 333 -2.94 -13.19 -5.16
N THR A 334 -3.89 -12.67 -4.38
CA THR A 334 -3.51 -11.81 -3.28
C THR A 334 -3.95 -12.13 -1.85
N GLN A 335 -3.23 -11.53 -0.90
CA GLN A 335 -3.49 -11.70 0.52
C GLN A 335 -3.64 -10.30 1.12
N ALA A 336 -4.85 -9.97 1.55
CA ALA A 336 -5.12 -8.66 2.14
C ALA A 336 -4.88 -8.64 3.63
N VAL A 337 -4.20 -7.61 4.11
CA VAL A 337 -3.91 -7.43 5.53
C VAL A 337 -4.57 -6.12 5.94
N LEU A 338 -5.56 -6.18 6.83
CA LEU A 338 -6.29 -4.99 7.25
C LEU A 338 -6.34 -4.78 8.76
N PRO A 339 -5.43 -3.98 9.29
CA PRO A 339 -5.43 -3.73 10.73
C PRO A 339 -6.23 -2.48 11.10
N TYR A 340 -7.30 -2.68 11.87
CA TYR A 340 -8.12 -1.55 12.32
C TYR A 340 -7.37 -0.88 13.46
N ASP A 341 -6.29 -0.20 13.10
CA ASP A 341 -5.42 0.47 14.06
C ASP A 341 -4.47 1.41 13.31
N GLN A 342 -4.62 2.72 13.54
CA GLN A 342 -3.79 3.73 12.90
C GLN A 342 -2.30 3.55 13.15
N TYR A 343 -1.95 3.17 14.36
CA TYR A 343 -0.56 2.95 14.72
C TYR A 343 0.10 1.90 13.83
N LEU A 344 -0.69 0.96 13.32
CA LEU A 344 -0.19 -0.11 12.46
C LEU A 344 -0.31 0.21 10.96
N HIS A 345 -0.40 1.49 10.61
CA HIS A 345 -0.56 1.91 9.21
C HIS A 345 0.57 1.50 8.29
N ARG A 346 1.62 0.90 8.85
CA ARG A 346 2.74 0.48 8.01
C ARG A 346 2.91 -1.03 8.09
N PHE A 347 2.04 -1.67 8.86
CA PHE A 347 2.07 -3.12 9.06
C PHE A 347 1.98 -3.94 7.77
N ALA A 348 0.91 -3.72 7.01
CA ALA A 348 0.70 -4.42 5.75
C ALA A 348 1.92 -4.31 4.85
N ALA A 349 2.42 -3.09 4.68
CA ALA A 349 3.58 -2.86 3.83
C ALA A 349 4.81 -3.59 4.35
N TYR A 350 4.93 -3.71 5.67
CA TYR A 350 6.07 -4.42 6.24
C TYR A 350 6.09 -5.85 5.70
N PHE A 351 4.91 -6.47 5.63
CA PHE A 351 4.82 -7.83 5.15
C PHE A 351 4.77 -8.03 3.65
N GLN A 352 4.60 -6.96 2.88
CA GLN A 352 4.61 -7.11 1.43
C GLN A 352 6.03 -7.63 1.22
N GLN A 353 6.98 -6.96 1.87
CA GLN A 353 8.36 -7.32 1.76
C GLN A 353 8.53 -8.67 2.44
N GLY A 354 8.03 -8.75 3.66
CA GLY A 354 8.14 -9.97 4.44
C GLY A 354 7.75 -11.22 3.69
N ASP A 355 6.55 -11.17 3.09
CA ASP A 355 6.01 -12.30 2.34
C ASP A 355 6.60 -12.43 0.93
N MET A 356 6.32 -11.42 0.09
CA MET A 356 6.76 -11.39 -1.30
C MET A 356 8.26 -11.59 -1.52
N GLU A 357 9.10 -10.93 -0.72
CA GLU A 357 10.56 -11.05 -0.85
C GLU A 357 11.00 -12.47 -0.55
N SER A 358 10.30 -13.11 0.39
CA SER A 358 10.64 -14.47 0.75
C SER A 358 10.10 -15.46 -0.27
N ASN A 359 8.79 -15.50 -0.42
CA ASN A 359 8.18 -16.48 -1.28
C ASN A 359 7.87 -16.16 -2.73
N GLY A 360 8.50 -15.11 -3.26
CA GLY A 360 8.29 -14.76 -4.64
C GLY A 360 9.37 -15.46 -5.43
N LYS A 361 9.28 -16.78 -5.46
CA LYS A 361 10.24 -17.64 -6.15
C LYS A 361 9.58 -18.67 -7.07
N TYR A 362 10.35 -19.17 -8.03
CA TYR A 362 9.84 -20.16 -8.96
C TYR A 362 10.79 -21.36 -9.06
N ILE A 363 11.89 -21.32 -8.32
CA ILE A 363 12.85 -22.41 -8.32
C ILE A 363 12.91 -23.05 -6.93
N THR A 364 12.63 -24.35 -6.86
CA THR A 364 12.66 -25.09 -5.60
C THR A 364 14.09 -25.36 -5.16
N LYS A 365 14.24 -26.00 -4.01
CA LYS A 365 15.57 -26.32 -3.46
C LYS A 365 16.36 -27.37 -4.27
N SER A 366 15.66 -28.16 -5.07
CA SER A 366 16.32 -29.17 -5.89
C SER A 366 16.72 -28.57 -7.24
N GLY A 367 16.21 -27.38 -7.54
CA GLY A 367 16.52 -26.74 -8.80
C GLY A 367 15.45 -27.03 -9.85
N ALA A 368 14.37 -27.66 -9.43
CA ALA A 368 13.27 -27.98 -10.33
C ALA A 368 12.45 -26.72 -10.57
N ARG A 369 11.81 -26.66 -11.73
CA ARG A 369 11.00 -25.50 -12.07
C ARG A 369 9.65 -25.72 -11.44
N VAL A 370 9.22 -24.76 -10.63
CA VAL A 370 7.93 -24.85 -9.97
C VAL A 370 6.85 -24.93 -11.03
N ASP A 371 5.83 -25.73 -10.76
CA ASP A 371 4.72 -25.90 -11.70
C ASP A 371 3.40 -25.63 -10.97
N HIS A 372 3.49 -24.78 -9.96
CA HIS A 372 2.35 -24.40 -9.14
C HIS A 372 2.62 -22.98 -8.62
N GLN A 373 1.56 -22.29 -8.21
CA GLN A 373 1.70 -20.94 -7.69
C GLN A 373 2.52 -20.90 -6.39
N THR A 374 3.21 -19.78 -6.15
CA THR A 374 3.95 -19.61 -4.90
C THR A 374 3.43 -18.35 -4.19
N GLY A 375 4.32 -17.60 -3.56
CA GLY A 375 3.93 -16.41 -2.82
C GLY A 375 2.88 -15.47 -3.40
N PRO A 376 1.91 -15.04 -2.58
CA PRO A 376 0.84 -14.14 -3.05
C PRO A 376 1.25 -12.68 -3.04
N ILE A 377 0.45 -11.85 -3.70
CA ILE A 377 0.72 -10.43 -3.70
C ILE A 377 0.04 -9.96 -2.43
N VAL A 378 0.82 -9.37 -1.52
CA VAL A 378 0.29 -8.88 -0.25
C VAL A 378 0.08 -7.36 -0.31
N TRP A 379 -1.10 -6.92 0.10
CA TRP A 379 -1.44 -5.51 0.09
C TRP A 379 -2.39 -5.19 1.23
N GLY A 380 -2.68 -3.91 1.44
CA GLY A 380 -3.59 -3.53 2.50
C GLY A 380 -3.44 -2.11 3.05
N GLU A 381 -4.49 -1.65 3.71
CA GLU A 381 -4.51 -0.32 4.34
C GLU A 381 -5.29 -0.52 5.64
N PRO A 382 -5.00 0.30 6.67
CA PRO A 382 -5.65 0.22 7.98
C PRO A 382 -7.03 0.82 8.24
N GLY A 383 -7.31 0.91 9.54
CA GLY A 383 -8.54 1.45 10.09
C GLY A 383 -9.79 1.11 9.31
N THR A 384 -10.73 2.05 9.32
CA THR A 384 -11.98 1.90 8.60
C THR A 384 -11.81 2.54 7.22
N ASN A 385 -10.69 3.22 7.02
CA ASN A 385 -10.41 3.91 5.76
C ASN A 385 -10.60 3.04 4.52
N GLY A 386 -10.18 1.77 4.60
CA GLY A 386 -10.34 0.87 3.47
C GLY A 386 -11.81 0.68 3.11
N GLN A 387 -12.65 0.59 4.13
CA GLN A 387 -14.09 0.45 3.92
C GLN A 387 -14.64 1.52 2.97
N HIS A 388 -13.92 2.63 2.85
CA HIS A 388 -14.37 3.72 2.00
C HIS A 388 -13.54 3.85 0.73
N ALA A 389 -12.43 3.12 0.67
CA ALA A 389 -11.54 3.20 -0.48
C ALA A 389 -11.62 2.02 -1.45
N PHE A 390 -11.52 0.79 -0.96
CA PHE A 390 -11.55 -0.34 -1.88
C PHE A 390 -12.39 -1.54 -1.47
N TYR A 391 -13.00 -1.50 -0.29
CA TYR A 391 -13.83 -2.63 0.12
C TYR A 391 -14.88 -2.93 -0.93
N GLN A 392 -15.30 -1.90 -1.68
CA GLN A 392 -16.29 -2.03 -2.74
C GLN A 392 -15.94 -3.20 -3.66
N LEU A 393 -14.68 -3.28 -4.09
CA LEU A 393 -14.25 -4.37 -4.95
C LEU A 393 -14.11 -5.69 -4.18
N ILE A 394 -13.89 -5.61 -2.87
CA ILE A 394 -13.78 -6.83 -2.09
C ILE A 394 -15.16 -7.45 -1.93
N HIS A 395 -16.17 -6.60 -1.70
CA HIS A 395 -17.55 -7.08 -1.55
C HIS A 395 -18.21 -7.46 -2.87
N GLN A 396 -18.22 -6.52 -3.82
CA GLN A 396 -18.90 -6.74 -5.09
C GLN A 396 -18.05 -6.81 -6.35
N GLY A 397 -16.75 -7.05 -6.20
CA GLY A 397 -15.91 -7.15 -7.38
C GLY A 397 -16.00 -8.54 -7.95
N THR A 398 -15.03 -8.94 -8.76
CA THR A 398 -15.00 -10.28 -9.34
C THR A 398 -13.76 -11.08 -8.94
N LYS A 399 -13.10 -10.67 -7.85
CA LYS A 399 -11.89 -11.36 -7.40
C LYS A 399 -12.10 -11.93 -5.98
N MET A 400 -11.65 -13.17 -5.76
CA MET A 400 -11.75 -13.77 -4.44
C MET A 400 -10.52 -13.24 -3.71
N ILE A 401 -10.73 -12.60 -2.56
CA ILE A 401 -9.59 -12.03 -1.85
C ILE A 401 -9.54 -12.34 -0.35
N PRO A 402 -8.70 -13.33 0.04
CA PRO A 402 -8.54 -13.72 1.45
C PRO A 402 -8.14 -12.48 2.27
N CYS A 403 -8.84 -12.24 3.38
CA CYS A 403 -8.55 -11.07 4.21
C CYS A 403 -8.31 -11.37 5.68
N ASP A 404 -7.22 -10.80 6.19
CA ASP A 404 -6.87 -10.92 7.58
C ASP A 404 -7.25 -9.60 8.24
N PHE A 405 -8.24 -9.61 9.12
CA PHE A 405 -8.63 -8.39 9.85
C PHE A 405 -7.97 -8.49 11.23
N LEU A 406 -7.21 -7.49 11.63
CA LEU A 406 -6.57 -7.50 12.94
C LEU A 406 -6.99 -6.30 13.75
N ILE A 407 -7.08 -6.46 15.07
CA ILE A 407 -7.47 -5.34 15.94
C ILE A 407 -7.26 -5.61 17.42
N PRO A 408 -6.86 -4.58 18.18
CA PRO A 408 -6.65 -4.74 19.62
C PRO A 408 -7.97 -4.46 20.33
N VAL A 409 -8.23 -5.18 21.42
CA VAL A 409 -9.45 -4.99 22.18
C VAL A 409 -9.51 -3.59 22.78
N GLN A 410 -8.41 -3.14 23.38
CA GLN A 410 -8.39 -1.81 23.98
C GLN A 410 -7.30 -0.94 23.34
N THR A 411 -7.63 0.32 23.05
CA THR A 411 -6.69 1.26 22.42
C THR A 411 -5.80 2.01 23.38
N GLN A 412 -4.84 2.71 22.79
CA GLN A 412 -3.89 3.53 23.50
C GLN A 412 -4.55 4.87 23.81
N HIS A 413 -5.66 5.16 23.13
CA HIS A 413 -6.36 6.44 23.34
C HIS A 413 -7.88 6.34 23.47
N PRO A 414 -8.36 5.84 24.62
CA PRO A 414 -9.79 5.70 24.86
C PRO A 414 -10.47 7.06 25.08
N ILE A 415 -10.35 7.95 24.10
CA ILE A 415 -10.96 9.26 24.21
C ILE A 415 -12.50 9.17 24.12
N ARG A 416 -13.19 10.23 24.57
CA ARG A 416 -14.64 10.27 24.54
C ARG A 416 -15.26 9.05 25.21
N LYS A 417 -14.66 8.61 26.31
CA LYS A 417 -15.13 7.44 27.04
C LYS A 417 -15.20 6.19 26.17
N GLY A 418 -14.24 6.03 25.26
CA GLY A 418 -14.18 4.86 24.41
C GLY A 418 -15.16 4.75 23.25
N LEU A 419 -15.80 5.86 22.89
CA LEU A 419 -16.77 5.88 21.79
C LEU A 419 -16.11 5.61 20.43
N HIS A 420 -14.94 6.21 20.20
CA HIS A 420 -14.25 6.01 18.93
C HIS A 420 -13.90 4.53 18.75
N HIS A 421 -13.26 3.95 19.75
CA HIS A 421 -12.84 2.56 19.65
C HIS A 421 -14.04 1.61 19.59
N LYS A 422 -15.17 2.06 20.13
CA LYS A 422 -16.39 1.27 20.13
C LYS A 422 -16.90 1.16 18.69
N ILE A 423 -16.90 2.28 17.97
CA ILE A 423 -17.35 2.32 16.59
C ILE A 423 -16.36 1.56 15.71
N LEU A 424 -15.08 1.68 16.05
CA LEU A 424 -14.01 1.02 15.32
C LEU A 424 -14.17 -0.51 15.41
N LEU A 425 -14.46 -1.00 16.63
CA LEU A 425 -14.66 -2.43 16.87
C LEU A 425 -15.89 -2.94 16.10
N ALA A 426 -16.99 -2.18 16.17
CA ALA A 426 -18.21 -2.59 15.49
C ALA A 426 -17.97 -2.80 13.99
N ASN A 427 -17.28 -1.87 13.35
CA ASN A 427 -16.98 -1.99 11.92
C ASN A 427 -16.10 -3.23 11.69
N PHE A 428 -15.09 -3.39 12.53
CA PHE A 428 -14.19 -4.53 12.44
C PHE A 428 -14.98 -5.82 12.43
N LEU A 429 -15.97 -5.91 13.31
CA LEU A 429 -16.84 -7.07 13.43
C LEU A 429 -17.83 -7.20 12.28
N ALA A 430 -18.47 -6.08 11.96
CA ALA A 430 -19.48 -6.04 10.90
C ALA A 430 -18.97 -6.36 9.51
N GLN A 431 -17.74 -5.94 9.20
CA GLN A 431 -17.20 -6.18 7.88
C GLN A 431 -17.00 -7.65 7.54
N THR A 432 -16.43 -8.43 8.45
CA THR A 432 -16.23 -9.84 8.17
C THR A 432 -17.58 -10.54 8.15
N GLU A 433 -18.52 -10.03 8.96
CA GLU A 433 -19.86 -10.61 9.00
C GLU A 433 -20.51 -10.41 7.64
N ALA A 434 -20.44 -9.19 7.11
CA ALA A 434 -21.00 -8.85 5.80
C ALA A 434 -20.31 -9.63 4.69
N LEU A 435 -19.00 -9.72 4.78
CA LEU A 435 -18.21 -10.43 3.79
C LEU A 435 -18.63 -11.90 3.74
N MET A 436 -19.16 -12.39 4.85
CA MET A 436 -19.58 -13.78 4.93
C MET A 436 -21.05 -13.97 4.57
N LYS A 437 -21.91 -13.20 5.23
CA LYS A 437 -23.35 -13.27 5.03
C LYS A 437 -23.80 -12.76 3.67
N GLY A 438 -23.39 -11.54 3.33
CA GLY A 438 -23.81 -11.00 2.05
C GLY A 438 -25.27 -10.65 2.19
N LYS A 439 -25.95 -10.41 1.08
CA LYS A 439 -27.36 -10.04 1.07
C LYS A 439 -28.03 -10.59 -0.19
N SER A 440 -28.88 -11.59 -0.01
CA SER A 440 -29.57 -12.24 -1.11
C SER A 440 -30.50 -11.29 -1.87
N THR A 441 -30.91 -11.75 -3.06
CA THR A 441 -31.80 -11.00 -3.94
C THR A 441 -33.14 -10.71 -3.26
N GLU A 442 -33.65 -11.68 -2.51
CA GLU A 442 -34.92 -11.49 -1.82
C GLU A 442 -34.82 -10.52 -0.66
N GLU A 443 -33.75 -10.64 0.13
CA GLU A 443 -33.55 -9.74 1.25
C GLU A 443 -33.48 -8.35 0.64
N ALA A 444 -32.79 -8.26 -0.50
CA ALA A 444 -32.63 -6.99 -1.20
C ALA A 444 -33.96 -6.55 -1.77
N ARG A 445 -34.59 -7.44 -2.54
CA ARG A 445 -35.86 -7.15 -3.16
C ARG A 445 -36.80 -6.62 -2.09
N LYS A 446 -36.97 -7.37 -1.00
CA LYS A 446 -37.83 -6.93 0.08
C LYS A 446 -37.52 -5.51 0.54
N GLU A 447 -36.23 -5.13 0.57
CA GLU A 447 -35.85 -3.79 1.00
C GLU A 447 -36.33 -2.73 0.00
N LEU A 448 -36.17 -3.02 -1.29
CA LEU A 448 -36.61 -2.08 -2.32
C LEU A 448 -38.13 -1.93 -2.31
N GLN A 449 -38.82 -2.95 -1.79
CA GLN A 449 -40.28 -2.95 -1.70
C GLN A 449 -40.69 -1.88 -0.70
N ALA A 450 -40.06 -1.93 0.47
CA ALA A 450 -40.32 -1.00 1.56
C ALA A 450 -39.73 0.38 1.27
N ALA A 451 -39.11 0.52 0.10
CA ALA A 451 -38.52 1.80 -0.28
C ALA A 451 -39.51 2.61 -1.11
N GLY A 452 -40.33 1.91 -1.89
CA GLY A 452 -41.30 2.61 -2.72
C GLY A 452 -40.85 2.82 -4.14
N LYS A 453 -39.95 1.96 -4.60
CA LYS A 453 -39.44 2.03 -5.96
C LYS A 453 -40.48 1.42 -6.90
N SER A 454 -40.60 1.98 -8.10
CA SER A 454 -41.55 1.44 -9.07
C SER A 454 -40.90 0.20 -9.67
N PRO A 455 -41.69 -0.83 -10.00
CA PRO A 455 -41.15 -2.06 -10.59
C PRO A 455 -40.07 -1.76 -11.62
N GLU A 456 -40.20 -0.62 -12.28
CA GLU A 456 -39.23 -0.18 -13.28
C GLU A 456 -37.91 0.07 -12.56
N ASP A 457 -37.97 0.97 -11.57
CA ASP A 457 -36.79 1.32 -10.80
C ASP A 457 -36.20 0.17 -10.01
N LEU A 458 -37.04 -0.54 -9.26
CA LEU A 458 -36.56 -1.68 -8.48
C LEU A 458 -35.68 -2.63 -9.30
N MET A 459 -36.18 -3.07 -10.44
CA MET A 459 -35.45 -4.00 -11.30
C MET A 459 -34.08 -3.44 -11.73
N LYS A 460 -34.06 -2.16 -12.10
CA LYS A 460 -32.83 -1.53 -12.56
C LYS A 460 -31.83 -1.26 -11.44
N LEU A 461 -32.20 -1.61 -10.21
CA LEU A 461 -31.32 -1.36 -9.08
C LEU A 461 -31.09 -2.58 -8.20
N LEU A 462 -32.06 -3.50 -8.23
CA LEU A 462 -32.02 -4.72 -7.43
C LEU A 462 -30.67 -5.46 -7.42
N PRO A 463 -30.24 -5.97 -8.57
CA PRO A 463 -28.96 -6.70 -8.58
C PRO A 463 -27.79 -5.90 -8.04
N HIS A 464 -27.84 -4.56 -8.18
CA HIS A 464 -26.74 -3.73 -7.70
C HIS A 464 -26.66 -3.71 -6.18
N LYS A 465 -27.78 -3.98 -5.52
CA LYS A 465 -27.81 -3.95 -4.07
C LYS A 465 -27.67 -5.35 -3.47
N VAL A 466 -27.25 -6.29 -4.31
CA VAL A 466 -27.06 -7.68 -3.92
C VAL A 466 -25.61 -8.01 -3.57
N PHE A 467 -25.41 -8.62 -2.40
CA PHE A 467 -24.09 -9.03 -1.95
C PHE A 467 -24.08 -10.55 -1.93
N GLU A 468 -23.34 -11.16 -2.86
CA GLU A 468 -23.27 -12.62 -2.92
C GLU A 468 -22.52 -13.24 -1.74
N GLY A 469 -21.79 -12.41 -1.01
CA GLY A 469 -21.04 -12.86 0.14
C GLY A 469 -20.09 -14.02 -0.15
N ASN A 470 -19.98 -14.91 0.83
CA ASN A 470 -19.13 -16.08 0.76
C ASN A 470 -17.65 -15.71 0.58
N ARG A 471 -17.28 -14.53 1.10
CA ARG A 471 -15.91 -14.05 1.01
C ARG A 471 -15.22 -14.29 2.36
N PRO A 472 -14.27 -15.24 2.37
CA PRO A 472 -13.46 -15.71 3.51
C PRO A 472 -12.52 -14.72 4.19
N THR A 473 -12.56 -14.72 5.51
CA THR A 473 -11.71 -13.83 6.29
C THR A 473 -11.20 -14.52 7.53
N ASN A 474 -10.13 -13.97 8.09
CA ASN A 474 -9.55 -14.45 9.34
C ASN A 474 -9.73 -13.25 10.25
N SER A 475 -10.06 -13.47 11.51
CA SER A 475 -10.18 -12.36 12.46
C SER A 475 -9.16 -12.61 13.55
N ILE A 476 -8.23 -11.68 13.71
CA ILE A 476 -7.19 -11.79 14.71
C ILE A 476 -7.30 -10.67 15.73
N VAL A 477 -7.88 -10.99 16.89
CA VAL A 477 -8.05 -10.02 17.96
C VAL A 477 -7.12 -10.28 19.13
N PHE A 478 -6.55 -9.21 19.67
CA PHE A 478 -5.64 -9.32 20.79
C PHE A 478 -5.99 -8.26 21.82
N THR A 479 -5.74 -8.59 23.09
CA THR A 479 -6.07 -7.71 24.21
C THR A 479 -5.64 -6.26 24.04
N LYS A 480 -4.39 -6.05 23.63
CA LYS A 480 -3.83 -4.71 23.44
C LYS A 480 -2.55 -4.77 22.62
N LEU A 481 -2.31 -3.73 21.82
CA LEU A 481 -1.14 -3.69 20.97
C LEU A 481 0.05 -3.10 21.72
N THR A 482 0.70 -3.96 22.51
CA THR A 482 1.87 -3.60 23.29
C THR A 482 3.09 -4.15 22.56
N PRO A 483 4.30 -3.76 23.01
CA PRO A 483 5.55 -4.23 22.39
C PRO A 483 5.65 -5.77 22.34
N PHE A 484 5.13 -6.43 23.37
CA PHE A 484 5.15 -7.88 23.46
C PHE A 484 4.23 -8.51 22.44
N ILE A 485 2.97 -8.08 22.43
CA ILE A 485 1.99 -8.62 21.48
C ILE A 485 2.43 -8.33 20.05
N LEU A 486 2.84 -7.09 19.79
CA LEU A 486 3.31 -6.71 18.46
C LEU A 486 4.41 -7.68 18.06
N GLY A 487 5.37 -7.87 18.95
CA GLY A 487 6.46 -8.79 18.69
C GLY A 487 5.92 -10.19 18.42
N ALA A 488 4.87 -10.55 19.12
CA ALA A 488 4.24 -11.86 18.96
C ALA A 488 3.58 -11.94 17.59
N LEU A 489 2.83 -10.90 17.24
CA LEU A 489 2.14 -10.85 15.94
C LEU A 489 3.10 -10.93 14.74
N ILE A 490 4.20 -10.19 14.80
CA ILE A 490 5.17 -10.21 13.71
C ILE A 490 5.81 -11.60 13.57
N ALA A 491 6.20 -12.20 14.68
CA ALA A 491 6.80 -13.54 14.64
C ALA A 491 5.82 -14.52 14.04
N MET A 492 4.56 -14.42 14.45
CA MET A 492 3.52 -15.30 13.95
C MET A 492 3.56 -15.36 12.42
N TYR A 493 3.48 -14.19 11.77
CA TYR A 493 3.50 -14.15 10.32
C TYR A 493 4.81 -14.62 9.74
N GLU A 494 5.91 -14.31 10.41
CA GLU A 494 7.21 -14.74 9.93
C GLU A 494 7.16 -16.26 9.74
N HIS A 495 6.61 -16.96 10.72
CA HIS A 495 6.52 -18.41 10.62
C HIS A 495 5.48 -18.87 9.63
N LYS A 496 4.41 -18.10 9.44
CA LYS A 496 3.39 -18.47 8.44
C LYS A 496 4.18 -18.56 7.12
N ILE A 497 4.92 -17.49 6.86
CA ILE A 497 5.73 -17.38 5.67
C ILE A 497 6.71 -18.53 5.53
N PHE A 498 7.25 -18.98 6.66
CA PHE A 498 8.19 -20.10 6.68
C PHE A 498 7.50 -21.40 6.27
N VAL A 499 6.34 -21.66 6.85
CA VAL A 499 5.61 -22.89 6.56
C VAL A 499 5.22 -22.98 5.09
N GLN A 500 4.72 -21.89 4.52
CA GLN A 500 4.33 -21.92 3.11
C GLN A 500 5.55 -22.21 2.25
N GLY A 501 6.66 -21.55 2.55
CA GLY A 501 7.88 -21.76 1.79
C GLY A 501 8.35 -23.21 1.84
N VAL A 502 8.19 -23.86 2.98
CA VAL A 502 8.58 -25.26 3.13
C VAL A 502 7.63 -26.17 2.34
N VAL A 503 6.35 -25.79 2.31
CA VAL A 503 5.36 -26.58 1.58
C VAL A 503 5.62 -26.51 0.08
N TRP A 504 6.04 -25.34 -0.40
CA TRP A 504 6.34 -25.16 -1.82
C TRP A 504 7.77 -25.62 -2.14
N ASP A 505 8.49 -26.07 -1.11
CA ASP A 505 9.86 -26.51 -1.27
C ASP A 505 10.73 -25.43 -1.93
N ILE A 506 10.61 -24.19 -1.46
CA ILE A 506 11.41 -23.09 -2.00
C ILE A 506 12.25 -22.48 -0.88
N ASN A 507 13.27 -21.70 -1.24
CA ASN A 507 14.14 -21.08 -0.24
C ASN A 507 13.66 -19.66 0.08
N SER A 508 12.89 -19.56 1.15
CA SER A 508 12.32 -18.29 1.58
C SER A 508 13.31 -17.21 2.02
N PHE A 509 14.58 -17.57 2.13
CA PHE A 509 15.56 -16.60 2.62
C PHE A 509 16.58 -16.15 1.59
N ASP A 510 16.09 -16.12 0.33
CA ASP A 510 16.78 -15.76 -0.91
C ASP A 510 16.29 -14.45 -1.52
N GLN A 511 17.19 -13.71 -2.14
CA GLN A 511 16.79 -12.47 -2.82
C GLN A 511 17.56 -12.36 -4.13
N TRP A 512 17.65 -13.45 -4.88
CA TRP A 512 18.39 -13.42 -6.14
C TRP A 512 17.68 -12.58 -7.21
N GLY A 513 16.36 -12.46 -7.10
CA GLY A 513 15.60 -11.70 -8.08
C GLY A 513 15.92 -10.21 -8.14
N VAL A 514 16.88 -9.78 -7.33
CA VAL A 514 17.23 -8.35 -7.27
C VAL A 514 18.49 -7.90 -7.98
N GLU A 515 19.35 -8.84 -8.36
CA GLU A 515 20.60 -8.47 -8.98
C GLU A 515 20.57 -8.00 -10.42
N LEU A 516 19.61 -8.46 -11.21
CA LEU A 516 19.55 -8.02 -12.61
C LEU A 516 19.30 -6.51 -12.69
N GLY A 517 18.35 -6.04 -11.87
CA GLY A 517 18.05 -4.62 -11.85
C GLY A 517 19.25 -3.80 -11.46
N LYS A 518 19.92 -4.21 -10.39
CA LYS A 518 21.09 -3.50 -9.89
C LYS A 518 22.21 -3.36 -10.92
N GLN A 519 22.54 -4.45 -11.60
CA GLN A 519 23.61 -4.40 -12.58
C GLN A 519 23.27 -3.61 -13.84
N LEU A 520 22.06 -3.76 -14.36
CA LEU A 520 21.68 -2.99 -15.55
C LEU A 520 21.59 -1.53 -15.15
N ALA A 521 21.42 -1.29 -13.85
CA ALA A 521 21.33 0.07 -13.33
C ALA A 521 22.71 0.71 -13.37
N LYS A 522 23.70 0.00 -12.84
CA LYS A 522 25.07 0.49 -12.83
C LYS A 522 25.57 0.74 -14.27
N LYS A 523 25.07 -0.05 -15.22
CA LYS A 523 25.48 0.11 -16.61
C LYS A 523 24.92 1.37 -17.27
N ILE A 524 23.76 1.82 -16.79
CA ILE A 524 23.10 3.00 -17.33
C ILE A 524 23.57 4.34 -16.73
N GLU A 525 23.95 4.32 -15.45
CA GLU A 525 24.38 5.53 -14.76
C GLU A 525 25.32 6.46 -15.54
N PRO A 526 26.44 5.94 -16.04
CA PRO A 526 27.37 6.80 -16.79
C PRO A 526 26.85 7.24 -18.15
N GLU A 527 25.92 6.47 -18.71
CA GLU A 527 25.36 6.81 -20.02
C GLU A 527 24.43 8.03 -19.91
N LEU A 528 23.96 8.31 -18.70
CA LEU A 528 23.06 9.44 -18.50
C LEU A 528 23.82 10.77 -18.54
N ASP A 529 25.14 10.72 -18.33
CA ASP A 529 25.96 11.91 -18.37
C ASP A 529 26.06 12.38 -19.81
N GLY A 530 26.21 13.69 -20.00
CA GLY A 530 26.34 14.22 -21.35
C GLY A 530 25.01 14.30 -22.05
N SER A 531 25.01 14.83 -23.28
CA SER A 531 23.77 14.97 -24.04
C SER A 531 23.76 14.16 -25.33
N SER A 532 24.75 13.30 -25.53
CA SER A 532 24.75 12.49 -26.74
C SER A 532 23.73 11.37 -26.56
N PRO A 533 23.00 11.03 -27.62
CA PRO A 533 21.99 9.97 -27.54
C PRO A 533 22.58 8.57 -27.33
N VAL A 534 21.88 7.77 -26.54
CA VAL A 534 22.29 6.42 -26.25
C VAL A 534 21.60 5.48 -27.23
N THR A 535 22.32 4.46 -27.68
CA THR A 535 21.76 3.52 -28.66
C THR A 535 22.09 2.05 -28.36
N SER A 536 22.87 1.84 -27.31
CA SER A 536 23.31 0.49 -26.91
C SER A 536 22.22 -0.46 -26.40
N HIS A 537 21.06 0.08 -26.03
CA HIS A 537 19.97 -0.73 -25.48
C HIS A 537 18.84 -0.99 -26.50
N ASP A 538 17.77 -1.59 -26.01
CA ASP A 538 16.58 -1.88 -26.82
C ASP A 538 15.99 -0.50 -27.12
N SER A 539 15.20 -0.40 -28.20
CA SER A 539 14.62 0.89 -28.59
C SER A 539 13.90 1.64 -27.47
N SER A 540 13.17 0.93 -26.61
CA SER A 540 12.45 1.54 -25.50
C SER A 540 13.37 2.19 -24.47
N THR A 541 14.37 1.46 -24.01
CA THR A 541 15.32 2.00 -23.04
C THR A 541 16.07 3.17 -23.68
N ASN A 542 16.41 3.04 -24.96
CA ASN A 542 17.08 4.13 -25.65
C ASN A 542 16.17 5.36 -25.64
N GLY A 543 14.92 5.15 -26.08
CA GLY A 543 13.96 6.23 -26.14
C GLY A 543 13.78 6.93 -24.81
N LEU A 544 13.60 6.14 -23.76
CA LEU A 544 13.41 6.70 -22.44
C LEU A 544 14.62 7.55 -22.06
N ILE A 545 15.81 6.98 -22.23
CA ILE A 545 17.05 7.69 -21.91
C ILE A 545 17.18 9.00 -22.71
N ASN A 546 16.85 8.96 -24.00
CA ASN A 546 16.99 10.14 -24.81
C ASN A 546 15.92 11.18 -24.51
N PHE A 547 14.71 10.72 -24.21
CA PHE A 547 13.65 11.66 -23.87
C PHE A 547 14.10 12.42 -22.63
N ILE A 548 14.81 11.72 -21.75
CA ILE A 548 15.32 12.27 -20.50
C ILE A 548 16.40 13.33 -20.76
N LYS A 549 17.40 12.98 -21.56
CA LYS A 549 18.45 13.93 -21.87
C LYS A 549 17.85 15.19 -22.49
N GLN A 550 16.89 15.01 -23.40
CA GLN A 550 16.24 16.15 -24.06
C GLN A 550 15.52 17.06 -23.07
N GLN A 551 14.75 16.47 -22.15
CA GLN A 551 13.97 17.24 -21.20
C GLN A 551 14.71 17.72 -19.96
N ARG A 552 15.89 17.18 -19.73
CA ARG A 552 16.70 17.57 -18.58
C ARG A 552 17.06 19.05 -18.58
N GLU A 553 17.04 19.65 -19.77
CA GLU A 553 17.39 21.06 -19.95
C GLU A 553 16.18 22.00 -19.96
N ALA A 554 15.07 21.51 -20.48
CA ALA A 554 13.83 22.29 -20.60
C ALA A 554 13.42 23.07 -19.35
N LYS A 555 12.61 24.10 -19.57
CA LYS A 555 12.10 24.96 -18.50
C LYS A 555 10.63 25.25 -18.79
N ALA B 1 -24.66 -9.87 -20.87
CA ALA B 1 -23.50 -8.97 -20.56
C ALA B 1 -22.88 -8.44 -21.85
N ALA B 2 -23.09 -7.15 -22.08
CA ALA B 2 -22.62 -6.48 -23.30
C ALA B 2 -21.12 -6.35 -23.47
N LEU B 3 -20.42 -7.48 -23.52
CA LEU B 3 -18.97 -7.44 -23.71
C LEU B 3 -18.48 -8.78 -24.20
N THR B 4 -18.89 -9.83 -23.52
CA THR B 4 -18.51 -11.17 -23.91
C THR B 4 -19.34 -11.53 -25.13
N ARG B 5 -20.37 -10.72 -25.39
CA ARG B 5 -21.24 -10.90 -26.53
C ARG B 5 -20.81 -10.01 -27.69
N ASN B 6 -19.71 -9.29 -27.50
CA ASN B 6 -19.18 -8.37 -28.51
C ASN B 6 -18.29 -9.16 -29.47
N PRO B 7 -18.43 -8.94 -30.78
CA PRO B 7 -17.63 -9.64 -31.80
C PRO B 7 -16.14 -9.34 -31.74
N GLN B 8 -15.79 -8.07 -31.60
CA GLN B 8 -14.40 -7.67 -31.54
C GLN B 8 -13.78 -8.18 -30.25
N PHE B 9 -14.61 -8.32 -29.22
CA PHE B 9 -14.09 -8.85 -27.96
C PHE B 9 -13.76 -10.33 -28.14
N GLN B 10 -14.64 -11.05 -28.83
CA GLN B 10 -14.45 -12.48 -29.05
C GLN B 10 -13.28 -12.75 -29.98
N LYS B 11 -13.06 -11.86 -30.94
CA LYS B 11 -11.94 -12.02 -31.86
C LYS B 11 -10.65 -11.90 -31.04
N LEU B 12 -10.58 -10.82 -30.26
CA LEU B 12 -9.41 -10.55 -29.40
C LEU B 12 -9.12 -11.75 -28.51
N GLN B 13 -10.17 -12.34 -27.95
CA GLN B 13 -10.03 -13.49 -27.05
C GLN B 13 -9.60 -14.77 -27.75
N GLN B 14 -10.13 -15.01 -28.93
CA GLN B 14 -9.74 -16.21 -29.65
C GLN B 14 -8.32 -16.02 -30.11
N TRP B 15 -7.97 -14.80 -30.49
CA TRP B 15 -6.61 -14.54 -30.95
C TRP B 15 -5.60 -14.82 -29.83
N HIS B 16 -5.90 -14.31 -28.64
CA HIS B 16 -5.03 -14.48 -27.50
C HIS B 16 -4.35 -15.84 -27.44
N ARG B 17 -5.03 -16.87 -27.94
CA ARG B 17 -4.43 -18.20 -27.94
C ARG B 17 -4.82 -19.01 -29.17
N GLU B 18 -5.59 -18.42 -30.09
CA GLU B 18 -6.00 -19.15 -31.29
C GLU B 18 -4.75 -19.65 -32.00
N HIS B 19 -3.61 -19.10 -31.60
CA HIS B 19 -2.34 -19.49 -32.18
C HIS B 19 -1.20 -19.20 -31.23
N GLY B 20 -0.06 -19.83 -31.50
CA GLY B 20 1.11 -19.64 -30.67
C GLY B 20 1.80 -18.32 -30.98
N SER B 21 3.06 -18.37 -31.38
CA SER B 21 3.84 -17.17 -31.68
C SER B 21 3.87 -16.35 -30.39
N GLU B 22 3.33 -16.94 -29.33
CA GLU B 22 3.23 -16.34 -28.01
C GLU B 22 4.21 -15.20 -27.85
N LEU B 23 3.66 -14.01 -27.59
CA LEU B 23 4.45 -12.79 -27.42
C LEU B 23 5.63 -12.98 -26.48
N ASN B 24 6.74 -12.31 -26.80
CA ASN B 24 7.94 -12.36 -25.97
C ASN B 24 8.74 -11.09 -26.20
N LEU B 25 8.55 -10.13 -25.29
CA LEU B 25 9.20 -8.82 -25.36
C LEU B 25 10.63 -8.80 -25.91
N ARG B 26 11.50 -9.66 -25.39
CA ARG B 26 12.89 -9.72 -25.84
C ARG B 26 13.02 -10.04 -27.33
N HIS B 27 12.11 -10.86 -27.84
CA HIS B 27 12.12 -11.24 -29.24
C HIS B 27 11.55 -10.13 -30.14
N LEU B 28 10.48 -9.49 -29.68
CA LEU B 28 9.85 -8.40 -30.43
C LEU B 28 10.79 -7.20 -30.57
N PHE B 29 11.59 -6.91 -29.55
CA PHE B 29 12.53 -5.79 -29.63
C PHE B 29 13.74 -6.18 -30.48
N ASP B 30 14.09 -7.46 -30.44
CA ASP B 30 15.23 -7.94 -31.21
C ASP B 30 14.95 -7.89 -32.71
N THR B 31 13.68 -7.94 -33.08
CA THR B 31 13.29 -7.95 -34.49
C THR B 31 12.54 -6.74 -35.02
N ASP B 32 12.43 -5.69 -34.22
CA ASP B 32 11.71 -4.51 -34.66
C ASP B 32 12.31 -3.20 -34.16
N LYS B 33 13.21 -2.65 -34.97
CA LYS B 33 13.89 -1.40 -34.67
C LYS B 33 12.89 -0.28 -34.38
N GLU B 34 11.69 -0.40 -34.92
CA GLU B 34 10.67 0.63 -34.77
C GLU B 34 9.73 0.47 -33.59
N ARG B 35 9.98 -0.53 -32.75
CA ARG B 35 9.10 -0.75 -31.62
C ARG B 35 8.81 0.49 -30.77
N PHE B 36 9.85 1.15 -30.25
CA PHE B 36 9.65 2.34 -29.43
C PHE B 36 8.86 3.43 -30.14
N ASN B 37 9.27 3.78 -31.36
CA ASN B 37 8.57 4.81 -32.12
C ASN B 37 7.11 4.44 -32.37
N HIS B 38 6.89 3.17 -32.69
CA HIS B 38 5.54 2.66 -32.98
C HIS B 38 4.62 2.45 -31.78
N PHE B 39 5.18 2.30 -30.58
CA PHE B 39 4.32 2.09 -29.42
C PHE B 39 4.49 3.07 -28.27
N SER B 40 4.66 4.35 -28.59
CA SER B 40 4.81 5.36 -27.56
C SER B 40 4.23 6.66 -28.06
N LEU B 41 3.95 7.58 -27.15
CA LEU B 41 3.41 8.85 -27.57
C LEU B 41 3.88 9.92 -26.61
N THR B 42 4.43 10.98 -27.16
CA THR B 42 4.93 12.10 -26.37
C THR B 42 3.86 13.19 -26.39
N LEU B 43 3.55 13.75 -25.24
CA LEU B 43 2.53 14.80 -25.17
C LEU B 43 3.11 16.12 -24.71
N ASN B 44 2.95 17.15 -25.53
CA ASN B 44 3.44 18.48 -25.19
C ASN B 44 2.25 19.26 -24.66
N THR B 45 2.31 19.64 -23.40
CA THR B 45 1.23 20.39 -22.76
C THR B 45 1.53 21.88 -22.72
N ASN B 46 2.71 22.26 -23.20
CA ASN B 46 3.17 23.63 -23.19
C ASN B 46 3.62 24.00 -21.79
N HIS B 47 3.33 23.12 -20.83
CA HIS B 47 3.73 23.34 -19.44
C HIS B 47 4.54 22.15 -18.93
N GLY B 48 5.15 21.42 -19.86
CA GLY B 48 5.96 20.26 -19.54
C GLY B 48 5.57 19.16 -20.51
N HIS B 49 6.49 18.23 -20.77
CA HIS B 49 6.24 17.11 -21.69
C HIS B 49 5.92 15.85 -20.92
N ILE B 50 5.07 15.00 -21.49
CA ILE B 50 4.70 13.73 -20.86
C ILE B 50 4.84 12.60 -21.88
N LEU B 51 5.86 11.77 -21.70
CA LEU B 51 6.11 10.65 -22.59
C LEU B 51 5.48 9.38 -22.01
N LEU B 52 4.65 8.72 -22.81
CA LEU B 52 4.01 7.48 -22.38
C LEU B 52 4.57 6.35 -23.24
N ASP B 53 5.57 5.66 -22.74
CA ASP B 53 6.16 4.56 -23.47
C ASP B 53 5.45 3.25 -23.10
N TYR B 54 4.61 2.74 -23.98
CA TYR B 54 3.90 1.50 -23.72
C TYR B 54 4.43 0.38 -24.62
N SER B 55 5.70 0.47 -24.99
CA SER B 55 6.31 -0.51 -25.89
C SER B 55 6.76 -1.80 -25.21
N LYS B 56 7.01 -1.74 -23.90
CA LYS B 56 7.44 -2.91 -23.15
C LYS B 56 6.21 -3.72 -22.77
N ASN B 57 5.30 -3.89 -23.74
CA ASN B 57 4.07 -4.63 -23.51
C ASN B 57 3.90 -5.81 -24.46
N LEU B 58 3.17 -6.83 -24.00
CA LEU B 58 2.92 -8.03 -24.80
C LEU B 58 1.89 -7.73 -25.88
N VAL B 59 2.27 -6.88 -26.83
CA VAL B 59 1.35 -6.49 -27.87
C VAL B 59 2.02 -6.22 -29.22
N THR B 60 1.28 -6.47 -30.30
CA THR B 60 1.75 -6.25 -31.66
C THR B 60 0.80 -5.24 -32.28
N GLU B 61 1.13 -4.72 -33.46
CA GLU B 61 0.25 -3.76 -34.12
C GLU B 61 -1.13 -4.36 -34.34
N GLU B 62 -1.18 -5.67 -34.57
CA GLU B 62 -2.45 -6.35 -34.77
C GLU B 62 -3.23 -6.32 -33.46
N VAL B 63 -2.55 -6.56 -32.36
CA VAL B 63 -3.20 -6.57 -31.05
C VAL B 63 -3.78 -5.18 -30.73
N MET B 64 -2.98 -4.15 -30.96
CA MET B 64 -3.42 -2.78 -30.67
C MET B 64 -4.61 -2.43 -31.52
N HIS B 65 -4.68 -3.03 -32.70
CA HIS B 65 -5.79 -2.75 -33.59
C HIS B 65 -7.06 -3.42 -33.06
N MET B 66 -6.96 -4.72 -32.75
CA MET B 66 -8.11 -5.43 -32.22
C MET B 66 -8.60 -4.73 -30.95
N LEU B 67 -7.67 -4.30 -30.09
CA LEU B 67 -8.01 -3.61 -28.86
C LEU B 67 -8.71 -2.29 -29.13
N LEU B 68 -8.27 -1.58 -30.16
CA LEU B 68 -8.87 -0.30 -30.52
C LEU B 68 -10.27 -0.48 -31.11
N ASP B 69 -10.45 -1.51 -31.94
CA ASP B 69 -11.75 -1.77 -32.53
C ASP B 69 -12.75 -2.05 -31.43
N LEU B 70 -12.28 -2.75 -30.40
CA LEU B 70 -13.13 -3.10 -29.27
C LEU B 70 -13.60 -1.83 -28.56
N ALA B 71 -12.68 -0.92 -28.27
CA ALA B 71 -13.04 0.31 -27.58
C ALA B 71 -14.10 1.07 -28.34
N LYS B 72 -13.98 1.07 -29.66
CA LYS B 72 -14.93 1.76 -30.51
C LYS B 72 -16.25 1.02 -30.50
N SER B 73 -16.15 -0.30 -30.64
CA SER B 73 -17.31 -1.17 -30.65
C SER B 73 -18.14 -1.07 -29.37
N ARG B 74 -17.52 -0.73 -28.23
CA ARG B 74 -18.29 -0.60 -26.99
C ARG B 74 -18.72 0.84 -26.71
N GLY B 75 -18.68 1.67 -27.75
CA GLY B 75 -19.12 3.05 -27.63
C GLY B 75 -18.39 3.94 -26.64
N VAL B 76 -17.07 3.80 -26.57
CA VAL B 76 -16.27 4.60 -25.67
C VAL B 76 -16.47 6.09 -25.97
N GLU B 77 -16.39 6.44 -27.23
CA GLU B 77 -16.55 7.81 -27.66
C GLU B 77 -17.91 8.43 -27.31
N ALA B 78 -18.99 7.72 -27.61
CA ALA B 78 -20.32 8.23 -27.31
C ALA B 78 -20.49 8.36 -25.80
N ALA B 79 -19.97 7.37 -25.07
CA ALA B 79 -20.06 7.39 -23.61
C ALA B 79 -19.30 8.59 -23.08
N ARG B 80 -18.13 8.85 -23.67
CA ARG B 80 -17.33 9.97 -23.24
C ARG B 80 -18.14 11.25 -23.39
N GLU B 81 -18.68 11.44 -24.59
CA GLU B 81 -19.47 12.61 -24.90
C GLU B 81 -20.63 12.79 -23.91
N SER B 82 -21.32 11.69 -23.60
CA SER B 82 -22.45 11.76 -22.67
C SER B 82 -22.00 12.26 -21.30
N MET B 83 -20.78 11.88 -20.90
CA MET B 83 -20.25 12.31 -19.62
C MET B 83 -20.03 13.83 -19.65
N PHE B 84 -19.25 14.28 -20.64
CA PHE B 84 -18.95 15.71 -20.76
C PHE B 84 -20.18 16.59 -20.99
N ASN B 85 -21.16 16.09 -21.74
CA ASN B 85 -22.35 16.87 -22.01
C ASN B 85 -23.35 16.95 -20.84
N GLY B 86 -22.99 16.38 -19.70
CA GLY B 86 -23.85 16.44 -18.53
C GLY B 86 -25.00 15.44 -18.42
N GLU B 87 -25.04 14.44 -19.28
CA GLU B 87 -26.08 13.43 -19.20
C GLU B 87 -25.90 12.60 -17.93
N LYS B 88 -27.01 12.11 -17.37
CA LYS B 88 -26.96 11.33 -16.13
C LYS B 88 -26.50 9.88 -16.36
N ILE B 89 -25.23 9.70 -16.67
CA ILE B 89 -24.70 8.36 -16.95
C ILE B 89 -24.53 7.48 -15.70
N ASN B 90 -24.50 8.08 -14.52
CA ASN B 90 -24.40 7.29 -13.30
C ASN B 90 -25.86 6.85 -13.12
N SER B 91 -26.24 5.85 -13.91
CA SER B 91 -27.60 5.30 -13.94
C SER B 91 -28.24 4.89 -12.62
N THR B 92 -27.59 4.02 -11.85
CA THR B 92 -28.16 3.54 -10.61
C THR B 92 -28.58 4.62 -9.61
N GLU B 93 -27.93 5.77 -9.66
CA GLU B 93 -28.28 6.87 -8.76
C GLU B 93 -28.89 8.01 -9.54
N ASP B 94 -29.06 7.79 -10.85
CA ASP B 94 -29.62 8.78 -11.74
C ASP B 94 -28.97 10.15 -11.59
N ARG B 95 -27.64 10.16 -11.55
CA ARG B 95 -26.90 11.42 -11.39
C ARG B 95 -25.95 11.68 -12.56
N ALA B 96 -25.57 12.93 -12.70
CA ALA B 96 -24.63 13.30 -13.73
C ALA B 96 -23.26 13.00 -13.14
N VAL B 97 -22.26 12.82 -14.00
CA VAL B 97 -20.90 12.58 -13.55
C VAL B 97 -20.08 13.70 -14.18
N LEU B 98 -19.93 14.78 -13.43
CA LEU B 98 -19.23 15.96 -13.93
C LEU B 98 -18.04 16.51 -13.18
N HIS B 99 -16.98 15.72 -13.04
CA HIS B 99 -15.80 16.22 -12.36
C HIS B 99 -14.96 17.00 -13.37
N VAL B 100 -15.27 16.83 -14.65
CA VAL B 100 -14.54 17.57 -15.68
C VAL B 100 -15.03 19.02 -15.64
N ALA B 101 -16.22 19.21 -15.09
CA ALA B 101 -16.80 20.55 -14.99
C ALA B 101 -16.09 21.39 -13.94
N LEU B 102 -15.69 20.75 -12.86
CA LEU B 102 -15.00 21.41 -11.77
C LEU B 102 -13.69 22.05 -12.22
N ARG B 103 -13.08 21.48 -13.26
CA ARG B 103 -11.80 21.94 -13.77
C ARG B 103 -11.95 22.51 -15.19
N ASN B 104 -13.20 22.75 -15.59
CA ASN B 104 -13.47 23.30 -16.92
C ASN B 104 -13.12 24.79 -17.03
N ARG B 105 -11.83 25.05 -17.21
CA ARG B 105 -11.28 26.39 -17.32
C ARG B 105 -11.79 27.17 -18.53
N SER B 106 -12.19 26.45 -19.57
CA SER B 106 -12.70 27.07 -20.78
C SER B 106 -14.06 27.70 -20.50
N ASN B 107 -14.74 27.18 -19.49
CA ASN B 107 -16.05 27.67 -19.10
C ASN B 107 -17.14 27.37 -20.13
N THR B 108 -16.91 26.36 -20.95
CA THR B 108 -17.91 25.97 -21.93
C THR B 108 -19.11 25.50 -21.11
N PRO B 109 -20.29 26.09 -21.33
CA PRO B 109 -21.44 25.65 -20.53
C PRO B 109 -21.72 24.15 -20.56
N ILE B 110 -22.14 23.65 -19.42
CA ILE B 110 -22.46 22.25 -19.23
C ILE B 110 -23.81 22.30 -18.53
N VAL B 111 -24.85 21.82 -19.21
CA VAL B 111 -26.21 21.89 -18.66
C VAL B 111 -26.79 20.61 -18.05
N VAL B 112 -27.29 20.74 -16.80
CA VAL B 112 -27.89 19.65 -15.97
C VAL B 112 -29.35 19.91 -15.63
N ASP B 113 -30.33 19.72 -16.50
CA ASP B 113 -31.69 20.04 -16.07
C ASP B 113 -31.89 21.52 -16.29
N GLY B 114 -31.60 21.88 -17.55
CA GLY B 114 -31.78 23.23 -18.04
C GLY B 114 -31.05 24.34 -17.32
N LYS B 115 -29.88 24.04 -16.77
CA LYS B 115 -29.11 25.05 -16.07
C LYS B 115 -27.60 24.77 -16.21
N ASP B 116 -26.87 25.74 -16.73
CA ASP B 116 -25.44 25.60 -16.90
C ASP B 116 -24.79 25.50 -15.53
N VAL B 117 -23.87 24.56 -15.39
CA VAL B 117 -23.19 24.31 -14.12
C VAL B 117 -22.00 25.21 -13.78
N MET B 118 -21.31 25.70 -14.80
CA MET B 118 -20.13 26.54 -14.57
C MET B 118 -20.32 27.72 -13.61
N PRO B 119 -21.40 28.50 -13.76
CA PRO B 119 -21.57 29.64 -12.85
C PRO B 119 -21.47 29.23 -11.38
N GLU B 120 -22.15 28.14 -11.01
CA GLU B 120 -22.10 27.69 -9.64
C GLU B 120 -20.71 27.09 -9.33
N VAL B 121 -20.00 26.62 -10.36
CA VAL B 121 -18.67 26.08 -10.12
C VAL B 121 -17.69 27.22 -9.83
N ASN B 122 -17.74 28.27 -10.65
CA ASN B 122 -16.85 29.40 -10.43
C ASN B 122 -17.25 30.19 -9.18
N LYS B 123 -18.54 30.20 -8.86
CA LYS B 123 -18.97 30.92 -7.67
C LYS B 123 -18.19 30.36 -6.49
N VAL B 124 -18.20 29.03 -6.35
CA VAL B 124 -17.51 28.37 -5.27
C VAL B 124 -16.00 28.53 -5.33
N LEU B 125 -15.44 28.41 -6.53
CA LEU B 125 -14.00 28.58 -6.68
C LEU B 125 -13.57 29.94 -6.17
N ASP B 126 -14.34 30.97 -6.55
CA ASP B 126 -14.03 32.33 -6.14
C ASP B 126 -14.06 32.45 -4.61
N LYS B 127 -15.10 31.90 -4.00
CA LYS B 127 -15.25 31.95 -2.55
C LYS B 127 -14.10 31.26 -1.81
N MET B 128 -13.52 30.25 -2.45
CA MET B 128 -12.42 29.52 -1.85
C MET B 128 -11.19 30.41 -1.84
N LYS B 129 -10.95 31.09 -2.96
CA LYS B 129 -9.82 31.99 -3.10
C LYS B 129 -9.97 33.14 -2.09
N ALA B 130 -11.19 33.63 -1.95
CA ALA B 130 -11.47 34.72 -1.01
C ALA B 130 -11.13 34.27 0.41
N PHE B 131 -11.58 33.07 0.78
CA PHE B 131 -11.30 32.54 2.12
C PHE B 131 -9.83 32.23 2.27
N CYS B 132 -9.25 31.56 1.27
CA CYS B 132 -7.84 31.19 1.27
C CYS B 132 -6.96 32.42 1.53
N GLN B 133 -7.19 33.49 0.78
CA GLN B 133 -6.40 34.71 0.96
C GLN B 133 -6.48 35.30 2.37
N ARG B 134 -7.63 35.15 3.01
CA ARG B 134 -7.81 35.69 4.35
C ARG B 134 -7.02 34.94 5.41
N VAL B 135 -7.05 33.62 5.35
CA VAL B 135 -6.33 32.82 6.34
C VAL B 135 -4.81 32.92 6.17
N ARG B 136 -4.34 32.89 4.93
CA ARG B 136 -2.91 32.93 4.68
C ARG B 136 -2.27 34.28 5.00
N SER B 137 -2.97 35.35 4.63
CA SER B 137 -2.49 36.71 4.87
C SER B 137 -2.44 37.06 6.35
N GLY B 138 -3.25 36.36 7.14
CA GLY B 138 -3.28 36.63 8.56
C GLY B 138 -4.47 37.52 8.94
N ASP B 139 -5.33 37.73 7.96
CA ASP B 139 -6.53 38.55 8.13
C ASP B 139 -7.54 37.82 9.00
N TRP B 140 -7.70 36.51 8.77
CA TRP B 140 -8.63 35.68 9.54
C TRP B 140 -8.01 35.33 10.88
N LYS B 141 -8.67 35.71 11.97
CA LYS B 141 -8.10 35.44 13.28
C LYS B 141 -9.03 34.67 14.22
N GLY B 142 -8.43 33.92 15.14
CA GLY B 142 -9.22 33.16 16.11
C GLY B 142 -9.73 34.17 17.12
N TYR B 143 -10.80 33.85 17.84
CA TYR B 143 -11.33 34.81 18.83
C TYR B 143 -10.37 35.00 19.98
N THR B 144 -9.16 35.38 19.62
CA THR B 144 -8.07 35.62 20.54
C THR B 144 -7.20 36.67 19.84
N GLY B 145 -7.45 36.84 18.55
CA GLY B 145 -6.71 37.81 17.77
C GLY B 145 -5.47 37.24 17.11
N LYS B 146 -5.19 35.96 17.36
CA LYS B 146 -4.03 35.32 16.77
C LYS B 146 -4.32 34.80 15.37
N THR B 147 -3.32 34.89 14.50
CA THR B 147 -3.44 34.42 13.13
C THR B 147 -3.55 32.89 13.19
N ILE B 148 -3.77 32.26 12.05
CA ILE B 148 -3.92 30.81 12.03
C ILE B 148 -2.72 30.06 11.46
N THR B 149 -2.20 29.14 12.27
CA THR B 149 -1.01 28.36 11.92
C THR B 149 -1.23 26.98 11.33
N ASP B 150 -2.25 26.29 11.80
CA ASP B 150 -2.54 24.94 11.33
C ASP B 150 -3.95 24.74 10.81
N VAL B 151 -4.06 23.98 9.73
CA VAL B 151 -5.33 23.66 9.10
C VAL B 151 -5.52 22.14 9.22
N ILE B 152 -6.65 21.72 9.80
CA ILE B 152 -6.94 20.30 9.96
C ILE B 152 -8.16 19.88 9.18
N ASN B 153 -7.95 19.07 8.14
CA ASN B 153 -9.04 18.56 7.33
C ASN B 153 -9.51 17.29 8.02
N ILE B 154 -10.82 17.19 8.24
CA ILE B 154 -11.41 16.02 8.87
C ILE B 154 -12.41 15.43 7.87
N GLY B 155 -12.06 14.28 7.31
CA GLY B 155 -12.92 13.63 6.33
C GLY B 155 -12.39 12.24 6.02
N ILE B 156 -13.18 11.43 5.30
CA ILE B 156 -12.72 10.08 4.98
C ILE B 156 -13.01 9.67 3.54
N GLY B 157 -12.27 8.69 3.05
CA GLY B 157 -12.45 8.25 1.67
C GLY B 157 -12.21 9.40 0.70
N GLY B 158 -13.22 9.68 -0.12
CA GLY B 158 -13.12 10.73 -1.10
C GLY B 158 -12.91 12.12 -0.53
N SER B 159 -13.35 12.35 0.70
CA SER B 159 -13.18 13.65 1.35
C SER B 159 -11.88 13.66 2.13
N ASP B 160 -10.91 12.86 1.68
CA ASP B 160 -9.63 12.80 2.38
C ASP B 160 -8.38 12.45 1.57
N LEU B 161 -8.43 11.33 0.85
CA LEU B 161 -7.27 10.84 0.09
C LEU B 161 -6.72 11.82 -0.94
N GLY B 162 -7.60 12.40 -1.74
CA GLY B 162 -7.16 13.34 -2.76
C GLY B 162 -6.38 14.51 -2.21
N PRO B 163 -6.95 15.29 -1.29
CA PRO B 163 -6.26 16.46 -0.70
C PRO B 163 -4.92 16.06 -0.06
N LEU B 164 -4.94 14.92 0.63
CA LEU B 164 -3.76 14.41 1.31
C LEU B 164 -2.68 14.04 0.29
N MET B 165 -3.07 13.24 -0.70
CA MET B 165 -2.12 12.83 -1.72
C MET B 165 -1.50 14.05 -2.45
N VAL B 166 -2.36 14.92 -2.99
CA VAL B 166 -1.90 16.10 -3.71
C VAL B 166 -1.02 17.02 -2.85
N THR B 167 -1.40 17.21 -1.58
CA THR B 167 -0.62 18.06 -0.69
C THR B 167 0.78 17.52 -0.41
N GLU B 168 0.89 16.20 -0.28
CA GLU B 168 2.18 15.58 -0.05
C GLU B 168 2.99 15.69 -1.33
N ALA B 169 2.30 15.53 -2.46
CA ALA B 169 2.97 15.57 -3.76
C ALA B 169 3.42 16.96 -4.20
N LEU B 170 2.78 18.00 -3.69
CA LEU B 170 3.14 19.35 -4.10
C LEU B 170 3.75 20.19 -2.96
N LYS B 171 4.43 19.51 -2.03
CA LYS B 171 5.08 20.18 -0.89
C LYS B 171 6.01 21.34 -1.31
N PRO B 172 6.74 21.17 -2.42
CA PRO B 172 7.64 22.25 -2.83
C PRO B 172 6.92 23.57 -3.13
N TYR B 173 5.59 23.53 -3.12
CA TYR B 173 4.81 24.73 -3.38
C TYR B 173 4.08 25.17 -2.10
N SER B 174 4.55 24.64 -0.95
CA SER B 174 4.01 24.95 0.39
C SER B 174 4.01 26.47 0.65
N SER B 175 5.06 27.13 0.22
CA SER B 175 5.16 28.59 0.20
C SER B 175 4.42 29.63 1.09
N GLY B 176 4.65 29.71 2.41
CA GLY B 176 3.99 30.75 3.20
C GLY B 176 2.78 30.22 3.94
N GLY B 177 2.18 29.19 3.35
CA GLY B 177 0.98 28.54 3.85
C GLY B 177 1.06 27.88 5.22
N PRO B 178 -0.11 27.59 5.81
CA PRO B 178 -0.13 26.94 7.12
C PRO B 178 0.32 25.50 7.03
N ARG B 179 0.38 24.88 8.19
CA ARG B 179 0.65 23.47 8.24
C ARG B 179 -0.70 22.82 8.11
N VAL B 180 -0.81 21.83 7.23
CA VAL B 180 -2.07 21.13 7.05
C VAL B 180 -1.97 19.71 7.56
N TRP B 181 -2.98 19.27 8.29
CA TRP B 181 -3.04 17.93 8.85
C TRP B 181 -4.27 17.26 8.26
N PHE B 182 -4.31 15.93 8.30
CA PHE B 182 -5.44 15.18 7.77
C PHE B 182 -5.88 14.07 8.71
N VAL B 183 -7.06 14.23 9.29
CA VAL B 183 -7.63 13.25 10.21
C VAL B 183 -8.79 12.58 9.50
N SER B 184 -8.79 11.25 9.49
CA SER B 184 -9.85 10.54 8.80
C SER B 184 -10.39 9.36 9.61
N ASN B 185 -9.52 8.42 9.93
CA ASN B 185 -9.93 7.23 10.69
C ASN B 185 -10.78 7.54 11.92
N ILE B 186 -11.73 6.66 12.20
CA ILE B 186 -12.58 6.82 13.37
C ILE B 186 -11.72 6.48 14.57
N ASP B 187 -10.73 5.62 14.34
CA ASP B 187 -9.81 5.21 15.39
C ASP B 187 -9.33 6.43 16.15
N GLY B 188 -9.75 6.52 17.41
CA GLY B 188 -9.40 7.64 18.26
C GLY B 188 -7.95 8.07 18.27
N THR B 189 -7.03 7.14 18.01
CA THR B 189 -5.62 7.49 18.02
C THR B 189 -5.32 8.55 16.98
N HIS B 190 -6.05 8.50 15.87
CA HIS B 190 -5.79 9.45 14.79
C HIS B 190 -6.00 10.92 15.13
N ILE B 191 -7.14 11.27 15.71
CA ILE B 191 -7.37 12.67 16.01
C ILE B 191 -6.60 13.08 17.27
N ALA B 192 -6.51 12.16 18.22
CA ALA B 192 -5.80 12.43 19.46
C ALA B 192 -4.35 12.86 19.22
N LYS B 193 -3.62 12.09 18.40
CA LYS B 193 -2.24 12.43 18.12
C LYS B 193 -2.12 13.73 17.35
N THR B 194 -3.21 14.15 16.72
CA THR B 194 -3.18 15.39 15.96
C THR B 194 -3.51 16.56 16.88
N LEU B 195 -4.50 16.39 17.74
CA LEU B 195 -4.88 17.45 18.66
C LEU B 195 -3.83 17.76 19.70
N ALA B 196 -2.98 16.77 19.98
CA ALA B 196 -1.92 16.91 20.97
C ALA B 196 -0.84 17.91 20.54
N CYS B 197 -0.70 18.13 19.24
CA CYS B 197 0.30 19.04 18.72
C CYS B 197 -0.27 20.40 18.35
N LEU B 198 -1.59 20.53 18.43
CA LEU B 198 -2.25 21.79 18.05
C LEU B 198 -2.54 22.76 19.19
N ASN B 199 -2.75 24.01 18.82
CA ASN B 199 -3.10 25.07 19.75
C ASN B 199 -4.47 25.58 19.28
N PRO B 200 -5.50 25.40 20.11
CA PRO B 200 -6.87 25.82 19.78
C PRO B 200 -6.97 27.14 19.04
N GLU B 201 -6.64 28.23 19.73
CA GLU B 201 -6.74 29.57 19.18
C GLU B 201 -6.08 29.84 17.83
N SER B 202 -5.20 28.95 17.36
CA SER B 202 -4.54 29.16 16.08
C SER B 202 -4.86 28.09 15.03
N SER B 203 -5.74 27.17 15.38
CA SER B 203 -6.11 26.06 14.52
C SER B 203 -7.44 26.23 13.78
N LEU B 204 -7.43 25.95 12.48
CA LEU B 204 -8.64 26.02 11.66
C LEU B 204 -9.04 24.63 11.21
N PHE B 205 -10.26 24.21 11.54
CA PHE B 205 -10.76 22.89 11.16
C PHE B 205 -11.65 22.94 9.95
N ILE B 206 -11.46 21.98 9.04
CA ILE B 206 -12.26 21.88 7.83
C ILE B 206 -12.95 20.53 7.82
N ILE B 207 -14.23 20.51 8.18
CA ILE B 207 -14.99 19.27 8.18
C ILE B 207 -15.45 19.03 6.74
N ALA B 208 -14.74 18.12 6.05
CA ALA B 208 -15.03 17.80 4.65
C ALA B 208 -15.93 16.59 4.54
N SER B 209 -17.17 16.81 4.13
CA SER B 209 -18.12 15.71 4.00
C SER B 209 -19.27 16.03 3.07
N LYS B 210 -19.35 15.29 1.96
CA LYS B 210 -20.40 15.47 0.97
C LYS B 210 -21.79 15.40 1.59
N THR B 211 -22.10 14.27 2.19
CA THR B 211 -23.41 14.05 2.82
C THR B 211 -23.49 14.73 4.18
N PHE B 212 -22.34 14.89 4.82
CA PHE B 212 -22.23 15.49 6.16
C PHE B 212 -22.95 14.62 7.20
N THR B 213 -22.92 13.29 6.97
CA THR B 213 -23.56 12.35 7.89
C THR B 213 -22.70 11.12 8.14
N THR B 214 -21.61 10.98 7.39
CA THR B 214 -20.73 9.83 7.59
C THR B 214 -20.35 9.77 9.05
N GLN B 215 -20.47 8.57 9.63
CA GLN B 215 -20.17 8.38 11.04
C GLN B 215 -18.75 8.72 11.51
N GLU B 216 -17.72 8.35 10.75
CA GLU B 216 -16.36 8.65 11.18
C GLU B 216 -16.06 10.15 11.20
N THR B 217 -16.50 10.84 10.15
CA THR B 217 -16.27 12.27 10.05
C THR B 217 -17.02 13.09 11.09
N ILE B 218 -18.32 12.87 11.20
CA ILE B 218 -19.11 13.63 12.15
C ILE B 218 -18.65 13.39 13.58
N THR B 219 -18.28 12.16 13.90
CA THR B 219 -17.77 11.83 15.23
C THR B 219 -16.42 12.52 15.46
N ASN B 220 -15.53 12.46 14.47
CA ASN B 220 -14.24 13.11 14.61
C ASN B 220 -14.47 14.62 14.71
N ALA B 221 -15.45 15.12 13.96
CA ALA B 221 -15.77 16.55 13.97
C ALA B 221 -16.25 16.97 15.35
N LYS B 222 -17.19 16.22 15.90
CA LYS B 222 -17.73 16.51 17.23
C LYS B 222 -16.62 16.48 18.28
N THR B 223 -15.63 15.60 18.10
CA THR B 223 -14.53 15.51 19.05
C THR B 223 -13.58 16.71 18.92
N ALA B 224 -13.44 17.23 17.70
CA ALA B 224 -12.59 18.38 17.50
C ALA B 224 -13.25 19.57 18.20
N LYS B 225 -14.54 19.76 17.90
CA LYS B 225 -15.29 20.86 18.49
C LYS B 225 -15.30 20.81 20.02
N ASP B 226 -15.47 19.63 20.60
CA ASP B 226 -15.47 19.50 22.05
C ASP B 226 -14.09 19.84 22.59
N TRP B 227 -13.06 19.47 21.82
CA TRP B 227 -11.67 19.74 22.20
C TRP B 227 -11.43 21.25 22.17
N PHE B 228 -11.86 21.89 21.09
CA PHE B 228 -11.71 23.32 20.91
C PHE B 228 -12.49 24.06 21.98
N LEU B 229 -13.77 23.74 22.09
CA LEU B 229 -14.65 24.36 23.06
C LEU B 229 -14.16 24.15 24.48
N LEU B 230 -13.10 23.38 24.64
CA LEU B 230 -12.56 23.13 25.95
C LEU B 230 -11.73 24.34 26.36
N SER B 231 -10.86 24.79 25.45
CA SER B 231 -10.04 25.96 25.72
C SER B 231 -10.92 27.19 25.59
N ALA B 232 -11.53 27.34 24.42
CA ALA B 232 -12.44 28.46 24.15
C ALA B 232 -13.80 28.03 24.66
N LYS B 233 -14.22 28.58 25.78
CA LYS B 233 -15.50 28.21 26.38
C LYS B 233 -16.73 28.73 25.64
N ASP B 234 -16.54 29.72 24.78
CA ASP B 234 -17.67 30.30 24.06
C ASP B 234 -18.06 29.53 22.79
N PRO B 235 -19.25 28.90 22.80
CA PRO B 235 -19.74 28.14 21.65
C PRO B 235 -19.93 28.98 20.39
N SER B 236 -19.86 30.30 20.53
CA SER B 236 -20.04 31.18 19.38
C SER B 236 -18.72 31.42 18.66
N THR B 237 -17.63 30.98 19.28
CA THR B 237 -16.31 31.14 18.70
C THR B 237 -16.06 30.04 17.66
N VAL B 238 -16.97 29.08 17.61
CA VAL B 238 -16.86 27.95 16.68
C VAL B 238 -16.83 28.39 15.24
N ALA B 239 -17.56 29.45 14.92
CA ALA B 239 -17.62 29.95 13.55
C ALA B 239 -16.31 30.58 13.09
N LYS B 240 -15.35 30.73 14.00
CA LYS B 240 -14.05 31.30 13.68
C LYS B 240 -12.98 30.22 13.54
N HIS B 241 -13.33 29.00 13.92
CA HIS B 241 -12.41 27.87 13.84
C HIS B 241 -12.94 26.65 13.08
N PHE B 242 -14.18 26.72 12.62
CA PHE B 242 -14.76 25.60 11.88
C PHE B 242 -15.45 26.04 10.61
N VAL B 243 -15.10 25.37 9.51
CA VAL B 243 -15.65 25.64 8.19
C VAL B 243 -16.07 24.28 7.59
N ALA B 244 -16.90 24.28 6.57
CA ALA B 244 -17.34 23.01 6.00
C ALA B 244 -17.45 22.95 4.48
N LEU B 245 -17.14 21.78 3.93
CA LEU B 245 -17.23 21.53 2.49
C LEU B 245 -18.31 20.46 2.38
N SER B 246 -19.49 20.82 1.89
CA SER B 246 -20.57 19.85 1.80
C SER B 246 -21.63 20.22 0.76
N THR B 247 -22.71 19.45 0.74
CA THR B 247 -23.82 19.70 -0.17
C THR B 247 -25.05 19.71 0.74
N ASN B 248 -24.82 19.42 2.02
CA ASN B 248 -25.90 19.34 2.99
C ASN B 248 -25.90 20.53 3.93
N THR B 249 -26.56 21.60 3.51
CA THR B 249 -26.64 22.81 4.30
C THR B 249 -27.32 22.58 5.66
N ALA B 250 -28.47 21.92 5.65
CA ALA B 250 -29.23 21.64 6.86
C ALA B 250 -28.41 21.01 8.00
N LYS B 251 -27.65 19.95 7.68
CA LYS B 251 -26.83 19.27 8.69
C LYS B 251 -25.63 20.13 9.08
N VAL B 252 -25.10 20.88 8.12
CA VAL B 252 -23.98 21.77 8.37
C VAL B 252 -24.41 22.89 9.31
N LYS B 253 -25.67 23.29 9.21
CA LYS B 253 -26.18 24.34 10.06
C LYS B 253 -26.61 23.72 11.38
N GLU B 254 -26.47 22.41 11.49
CA GLU B 254 -26.86 21.71 12.70
C GLU B 254 -25.64 21.50 13.61
N PHE B 255 -24.49 21.28 12.98
CA PHE B 255 -23.23 21.06 13.68
C PHE B 255 -22.81 22.32 14.44
N GLY B 256 -23.09 23.47 13.86
CA GLY B 256 -22.74 24.73 14.50
C GLY B 256 -21.95 25.65 13.58
N ILE B 257 -21.82 25.23 12.33
CA ILE B 257 -21.09 25.99 11.32
C ILE B 257 -21.97 27.12 10.79
N ASP B 258 -21.33 28.10 10.18
CA ASP B 258 -22.04 29.25 9.63
C ASP B 258 -22.26 29.06 8.12
N PRO B 259 -23.51 29.23 7.66
CA PRO B 259 -23.87 29.08 6.25
C PRO B 259 -22.87 29.67 5.23
N GLN B 260 -22.27 30.82 5.56
CA GLN B 260 -21.31 31.43 4.64
C GLN B 260 -19.92 30.81 4.79
N ASN B 261 -19.79 29.89 5.74
CA ASN B 261 -18.53 29.20 5.96
C ASN B 261 -18.68 27.79 5.41
N MET B 262 -19.61 27.62 4.48
CA MET B 262 -19.82 26.32 3.89
C MET B 262 -19.52 26.43 2.42
N PHE B 263 -18.50 25.72 1.98
CA PHE B 263 -18.14 25.72 0.57
C PHE B 263 -18.80 24.47 0.04
N GLU B 264 -19.63 24.63 -0.98
CA GLU B 264 -20.37 23.50 -1.51
C GLU B 264 -19.89 22.90 -2.83
N PHE B 265 -20.29 21.64 -3.05
CA PHE B 265 -20.04 20.95 -4.30
C PHE B 265 -21.38 20.33 -4.69
N TRP B 266 -21.41 19.42 -5.66
CA TRP B 266 -22.70 18.89 -6.09
C TRP B 266 -22.80 17.37 -6.24
N ASP B 267 -24.01 16.84 -6.15
CA ASP B 267 -24.20 15.40 -6.24
C ASP B 267 -23.52 14.76 -7.43
N TRP B 268 -23.29 15.53 -8.51
CA TRP B 268 -22.62 14.97 -9.68
C TRP B 268 -21.11 14.87 -9.53
N VAL B 269 -20.62 15.30 -8.38
CA VAL B 269 -19.19 15.25 -8.06
C VAL B 269 -18.98 14.01 -7.18
N GLY B 270 -18.43 12.95 -7.75
CA GLY B 270 -18.21 11.74 -6.99
C GLY B 270 -17.12 11.93 -5.96
N GLY B 271 -17.29 11.33 -4.78
CA GLY B 271 -16.31 11.47 -3.73
C GLY B 271 -14.88 11.18 -4.13
N ARG B 272 -14.66 10.15 -4.93
CA ARG B 272 -13.31 9.79 -5.34
C ARG B 272 -12.84 10.60 -6.53
N TYR B 273 -13.58 11.66 -6.85
CA TYR B 273 -13.23 12.55 -7.95
C TYR B 273 -13.52 13.96 -7.46
N SER B 274 -13.48 14.17 -6.14
CA SER B 274 -13.81 15.47 -5.56
C SER B 274 -12.70 16.45 -5.24
N LEU B 275 -11.45 16.01 -5.24
CA LEU B 275 -10.34 16.92 -4.88
C LEU B 275 -10.31 18.18 -5.73
N TRP B 276 -10.93 18.11 -6.92
CA TRP B 276 -10.93 19.25 -7.82
C TRP B 276 -11.94 20.33 -7.42
N SER B 277 -12.90 19.98 -6.58
CA SER B 277 -13.91 20.95 -6.15
C SER B 277 -13.55 21.56 -4.80
N ALA B 278 -14.56 21.99 -4.06
CA ALA B 278 -14.35 22.60 -2.75
C ALA B 278 -13.52 21.68 -1.86
N ILE B 279 -13.64 20.37 -2.06
CA ILE B 279 -12.88 19.41 -1.27
C ILE B 279 -11.38 19.69 -1.31
N GLY B 280 -10.95 20.46 -2.29
CA GLY B 280 -9.54 20.78 -2.41
C GLY B 280 -9.18 22.07 -1.68
N LEU B 281 -10.01 22.49 -0.74
CA LEU B 281 -9.74 23.73 -0.02
C LEU B 281 -8.39 23.67 0.70
N SER B 282 -8.11 22.55 1.36
CA SER B 282 -6.84 22.39 2.06
C SER B 282 -5.65 22.40 1.09
N ILE B 283 -5.86 22.01 -0.16
CA ILE B 283 -4.78 22.05 -1.14
C ILE B 283 -4.48 23.52 -1.46
N ALA B 284 -5.54 24.28 -1.70
CA ALA B 284 -5.42 25.71 -2.00
C ALA B 284 -4.81 26.44 -0.81
N LEU B 285 -5.21 26.04 0.39
CA LEU B 285 -4.68 26.66 1.58
C LEU B 285 -3.18 26.37 1.77
N HIS B 286 -2.75 25.22 1.26
CA HIS B 286 -1.36 24.83 1.39
C HIS B 286 -0.42 25.39 0.33
N VAL B 287 -0.84 25.39 -0.94
CA VAL B 287 0.01 25.88 -2.02
C VAL B 287 -0.49 27.12 -2.74
N GLY B 288 -1.48 27.81 -2.16
CA GLY B 288 -2.01 29.01 -2.78
C GLY B 288 -3.01 28.69 -3.87
N PHE B 289 -3.85 29.65 -4.24
CA PHE B 289 -4.85 29.39 -5.27
C PHE B 289 -4.27 29.36 -6.67
N ASP B 290 -3.15 30.03 -6.90
CA ASP B 290 -2.54 30.00 -8.23
C ASP B 290 -2.19 28.56 -8.56
N ASN B 291 -1.35 27.96 -7.74
CA ASN B 291 -0.94 26.59 -7.96
C ASN B 291 -2.16 25.71 -8.08
N PHE B 292 -3.19 26.01 -7.30
CA PHE B 292 -4.42 25.21 -7.34
C PHE B 292 -5.05 25.24 -8.73
N GLU B 293 -5.02 26.41 -9.38
CA GLU B 293 -5.61 26.56 -10.69
C GLU B 293 -4.73 25.90 -11.76
N GLN B 294 -3.44 25.80 -11.48
CA GLN B 294 -2.52 25.13 -12.39
C GLN B 294 -2.83 23.64 -12.28
N LEU B 295 -3.33 23.23 -11.11
CA LEU B 295 -3.70 21.84 -10.85
C LEU B 295 -4.93 21.51 -11.68
N LEU B 296 -5.94 22.36 -11.59
CA LEU B 296 -7.17 22.18 -12.35
C LEU B 296 -6.87 22.30 -13.84
N SER B 297 -6.06 23.29 -14.22
CA SER B 297 -5.71 23.50 -15.62
C SER B 297 -5.05 22.26 -16.20
N GLY B 298 -4.22 21.62 -15.39
CA GLY B 298 -3.55 20.41 -15.84
C GLY B 298 -4.59 19.35 -16.17
N ALA B 299 -5.52 19.14 -15.25
CA ALA B 299 -6.55 18.15 -15.49
C ALA B 299 -7.38 18.57 -16.70
N HIS B 300 -7.80 19.83 -16.72
CA HIS B 300 -8.59 20.36 -17.84
C HIS B 300 -7.84 20.06 -19.12
N TRP B 301 -6.53 20.11 -19.06
CA TRP B 301 -5.72 19.82 -20.24
C TRP B 301 -5.93 18.36 -20.67
N MET B 302 -5.71 17.43 -19.74
CA MET B 302 -5.88 16.02 -20.07
C MET B 302 -7.31 15.74 -20.56
N ASP B 303 -8.29 16.42 -19.96
CA ASP B 303 -9.68 16.24 -20.38
C ASP B 303 -9.84 16.51 -21.88
N GLN B 304 -9.24 17.61 -22.34
CA GLN B 304 -9.29 18.02 -23.77
C GLN B 304 -8.55 17.02 -24.65
N HIS B 305 -7.46 16.47 -24.14
CA HIS B 305 -6.70 15.50 -24.90
C HIS B 305 -7.53 14.24 -25.05
N PHE B 306 -8.20 13.86 -23.97
CA PHE B 306 -9.05 12.66 -23.97
C PHE B 306 -10.21 12.85 -24.93
N ARG B 307 -10.81 14.04 -24.90
CA ARG B 307 -11.93 14.34 -25.74
C ARG B 307 -11.68 14.51 -27.24
N THR B 308 -10.55 15.13 -27.58
CA THR B 308 -10.25 15.41 -28.99
C THR B 308 -9.24 14.53 -29.73
N THR B 309 -8.62 13.58 -29.07
CA THR B 309 -7.64 12.77 -29.77
C THR B 309 -8.15 11.44 -30.24
N PRO B 310 -7.95 11.12 -31.53
CA PRO B 310 -8.43 9.82 -32.03
C PRO B 310 -7.88 8.71 -31.15
N LEU B 311 -8.70 7.69 -30.93
CA LEU B 311 -8.37 6.55 -30.08
C LEU B 311 -6.96 5.99 -30.24
N GLU B 312 -6.50 5.85 -31.48
CA GLU B 312 -5.16 5.30 -31.75
C GLU B 312 -4.02 6.01 -31.03
N LYS B 313 -4.24 7.27 -30.64
CA LYS B 313 -3.23 8.09 -29.98
C LYS B 313 -3.71 8.71 -28.67
N ASN B 314 -4.81 8.20 -28.13
CA ASN B 314 -5.39 8.71 -26.91
C ASN B 314 -4.83 7.96 -25.69
N ALA B 315 -4.00 8.64 -24.90
CA ALA B 315 -3.36 8.07 -23.71
C ALA B 315 -4.28 7.29 -22.76
N PRO B 316 -5.33 7.95 -22.23
CA PRO B 316 -6.25 7.25 -21.31
C PRO B 316 -6.77 5.99 -21.96
N VAL B 317 -7.13 6.08 -23.23
CA VAL B 317 -7.67 4.94 -23.99
C VAL B 317 -6.64 3.82 -24.13
N LEU B 318 -5.41 4.19 -24.47
CA LEU B 318 -4.34 3.20 -24.64
C LEU B 318 -4.01 2.54 -23.31
N LEU B 319 -4.01 3.32 -22.23
CA LEU B 319 -3.71 2.79 -20.91
C LEU B 319 -4.81 1.81 -20.49
N ALA B 320 -6.05 2.16 -20.81
CA ALA B 320 -7.19 1.35 -20.45
C ALA B 320 -7.26 0.04 -21.24
N MET B 321 -7.07 0.11 -22.54
CA MET B 321 -7.14 -1.09 -23.35
C MET B 321 -6.00 -2.06 -23.05
N LEU B 322 -4.85 -1.55 -22.62
CA LEU B 322 -3.74 -2.43 -22.29
C LEU B 322 -4.17 -3.22 -21.05
N GLY B 323 -4.77 -2.52 -20.09
CA GLY B 323 -5.24 -3.18 -18.89
C GLY B 323 -6.24 -4.28 -19.20
N ILE B 324 -7.19 -4.00 -20.08
CA ILE B 324 -8.22 -4.97 -20.46
C ILE B 324 -7.59 -6.23 -21.01
N TRP B 325 -6.57 -6.00 -21.82
CA TRP B 325 -5.80 -7.06 -22.45
C TRP B 325 -5.24 -7.97 -21.35
N TYR B 326 -4.57 -7.38 -20.36
CA TYR B 326 -4.00 -8.17 -19.28
C TYR B 326 -5.05 -8.70 -18.31
N ILE B 327 -6.13 -7.94 -18.15
CA ILE B 327 -7.21 -8.34 -17.26
C ILE B 327 -8.16 -9.39 -17.83
N ASN B 328 -8.74 -9.12 -18.99
CA ASN B 328 -9.71 -10.06 -19.56
C ASN B 328 -9.17 -11.18 -20.43
N CYS B 329 -7.93 -11.04 -20.91
CA CYS B 329 -7.33 -12.08 -21.74
C CYS B 329 -6.26 -12.89 -21.01
N PHE B 330 -5.30 -12.22 -20.38
CA PHE B 330 -4.26 -12.91 -19.63
C PHE B 330 -4.76 -13.33 -18.24
N GLY B 331 -5.73 -12.60 -17.71
CA GLY B 331 -6.28 -12.93 -16.41
C GLY B 331 -5.50 -12.42 -15.21
N CYS B 332 -4.76 -11.32 -15.37
CA CYS B 332 -3.99 -10.75 -14.27
C CYS B 332 -4.90 -10.04 -13.27
N GLU B 333 -4.77 -10.39 -12.01
CA GLU B 333 -5.59 -9.81 -10.96
C GLU B 333 -5.19 -8.40 -10.52
N THR B 334 -3.91 -8.04 -10.65
CA THR B 334 -3.49 -6.74 -10.17
C THR B 334 -2.80 -5.77 -11.12
N GLN B 335 -2.79 -4.50 -10.71
CA GLN B 335 -2.18 -3.41 -11.45
C GLN B 335 -1.25 -2.70 -10.49
N ALA B 336 0.05 -2.79 -10.76
CA ALA B 336 1.06 -2.14 -9.91
C ALA B 336 1.36 -0.73 -10.39
N VAL B 337 1.42 0.20 -9.43
CA VAL B 337 1.72 1.61 -9.70
C VAL B 337 2.99 1.97 -8.92
N LEU B 338 4.05 2.26 -9.63
CA LEU B 338 5.33 2.54 -9.00
C LEU B 338 5.94 3.87 -9.39
N PRO B 339 5.76 4.89 -8.55
CA PRO B 339 6.34 6.20 -8.86
C PRO B 339 7.69 6.40 -8.17
N TYR B 340 8.75 6.54 -8.97
CA TYR B 340 10.06 6.78 -8.41
C TYR B 340 10.11 8.25 -8.03
N ASP B 341 9.41 8.56 -6.93
CA ASP B 341 9.30 9.92 -6.43
C ASP B 341 8.68 9.88 -5.01
N GLN B 342 9.46 10.25 -4.01
CA GLN B 342 9.01 10.27 -2.62
C GLN B 342 7.77 11.11 -2.37
N TYR B 343 7.71 12.25 -3.04
CA TYR B 343 6.58 13.17 -2.90
C TYR B 343 5.27 12.49 -3.29
N LEU B 344 5.36 11.50 -4.18
CA LEU B 344 4.19 10.76 -4.64
C LEU B 344 3.96 9.46 -3.86
N HIS B 345 4.47 9.38 -2.62
CA HIS B 345 4.32 8.18 -1.80
C HIS B 345 2.89 7.80 -1.45
N ARG B 346 1.94 8.62 -1.86
CA ARG B 346 0.55 8.33 -1.54
C ARG B 346 -0.29 8.21 -2.82
N PHE B 347 0.41 8.32 -3.95
CA PHE B 347 -0.20 8.24 -5.27
C PHE B 347 -0.89 6.90 -5.53
N ALA B 348 -0.15 5.81 -5.43
CA ALA B 348 -0.68 4.48 -5.65
C ALA B 348 -1.95 4.25 -4.82
N ALA B 349 -1.88 4.59 -3.54
CA ALA B 349 -3.02 4.39 -2.66
C ALA B 349 -4.21 5.22 -3.11
N TYR B 350 -3.96 6.42 -3.63
CA TYR B 350 -5.03 7.28 -4.11
C TYR B 350 -5.85 6.58 -5.19
N PHE B 351 -5.17 6.05 -6.21
CA PHE B 351 -5.86 5.35 -7.28
C PHE B 351 -6.25 3.96 -6.87
N GLN B 352 -5.70 3.50 -5.77
CA GLN B 352 -6.10 2.20 -5.29
C GLN B 352 -7.59 2.42 -4.99
N GLN B 353 -7.91 3.62 -4.50
CA GLN B 353 -9.29 3.97 -4.20
C GLN B 353 -10.03 4.33 -5.49
N GLY B 354 -9.42 5.17 -6.31
CA GLY B 354 -10.06 5.59 -7.55
C GLY B 354 -10.40 4.48 -8.52
N ASP B 355 -9.50 3.53 -8.68
CA ASP B 355 -9.71 2.42 -9.59
C ASP B 355 -10.65 1.38 -8.94
N MET B 356 -10.19 0.77 -7.85
CA MET B 356 -10.97 -0.26 -7.20
C MET B 356 -12.41 0.10 -6.80
N GLU B 357 -12.64 1.25 -6.18
CA GLU B 357 -14.02 1.58 -5.81
C GLU B 357 -14.86 1.99 -7.00
N SER B 358 -14.20 2.26 -8.13
CA SER B 358 -14.93 2.63 -9.33
C SER B 358 -15.30 1.40 -10.14
N ASN B 359 -14.35 0.49 -10.35
CA ASN B 359 -14.64 -0.69 -11.16
C ASN B 359 -14.65 -2.05 -10.44
N GLY B 360 -14.94 -2.02 -9.15
CA GLY B 360 -15.04 -3.25 -8.39
C GLY B 360 -16.53 -3.55 -8.39
N LYS B 361 -17.05 -3.88 -9.58
CA LYS B 361 -18.46 -4.18 -9.77
C LYS B 361 -18.67 -5.51 -10.48
N TYR B 362 -19.87 -6.08 -10.35
CA TYR B 362 -20.17 -7.34 -11.02
C TYR B 362 -21.52 -7.26 -11.73
N ILE B 363 -22.18 -6.10 -11.61
CA ILE B 363 -23.47 -5.90 -12.25
C ILE B 363 -23.35 -4.79 -13.29
N THR B 364 -23.68 -5.11 -14.55
CA THR B 364 -23.61 -4.14 -15.64
C THR B 364 -24.80 -3.16 -15.58
N LYS B 365 -24.83 -2.20 -16.50
CA LYS B 365 -25.91 -1.21 -16.54
C LYS B 365 -27.28 -1.78 -16.88
N SER B 366 -27.32 -2.93 -17.54
CA SER B 366 -28.59 -3.55 -17.90
C SER B 366 -29.10 -4.44 -16.76
N GLY B 367 -28.25 -4.70 -15.79
CA GLY B 367 -28.64 -5.52 -14.66
C GLY B 367 -28.20 -6.96 -14.86
N ALA B 368 -27.44 -7.19 -15.93
CA ALA B 368 -26.95 -8.52 -16.25
C ALA B 368 -25.78 -8.87 -15.34
N ARG B 369 -25.62 -10.15 -15.05
CA ARG B 369 -24.54 -10.62 -14.20
C ARG B 369 -23.28 -10.71 -15.04
N VAL B 370 -22.26 -9.98 -14.62
CA VAL B 370 -21.01 -10.02 -15.35
C VAL B 370 -20.49 -11.45 -15.41
N ASP B 371 -19.91 -11.82 -16.56
CA ASP B 371 -19.38 -13.16 -16.73
C ASP B 371 -17.93 -13.08 -17.20
N HIS B 372 -17.28 -11.99 -16.78
CA HIS B 372 -15.89 -11.72 -17.12
C HIS B 372 -15.31 -10.88 -15.98
N GLN B 373 -13.99 -10.84 -15.89
CA GLN B 373 -13.33 -10.05 -14.85
C GLN B 373 -13.57 -8.56 -15.02
N THR B 374 -13.56 -7.81 -13.91
CA THR B 374 -13.70 -6.36 -13.97
C THR B 374 -12.47 -5.72 -13.32
N GLY B 375 -12.65 -4.61 -12.61
CA GLY B 375 -11.55 -3.90 -11.96
C GLY B 375 -10.46 -4.70 -11.26
N PRO B 376 -9.19 -4.34 -11.47
CA PRO B 376 -8.06 -5.04 -10.86
C PRO B 376 -7.73 -4.57 -9.46
N ILE B 377 -6.93 -5.36 -8.75
CA ILE B 377 -6.51 -4.95 -7.43
C ILE B 377 -5.30 -4.05 -7.72
N VAL B 378 -5.38 -2.81 -7.26
CA VAL B 378 -4.30 -1.84 -7.48
C VAL B 378 -3.47 -1.64 -6.22
N TRP B 379 -2.16 -1.79 -6.37
CA TRP B 379 -1.26 -1.65 -5.24
C TRP B 379 0.06 -1.01 -5.69
N GLY B 380 0.94 -0.70 -4.74
CA GLY B 380 2.22 -0.11 -5.09
C GLY B 380 2.89 0.70 -4.01
N GLU B 381 4.19 0.92 -4.18
CA GLU B 381 4.99 1.70 -3.25
C GLU B 381 5.98 2.43 -4.14
N PRO B 382 6.43 3.64 -3.73
CA PRO B 382 7.36 4.48 -4.49
C PRO B 382 8.85 4.18 -4.52
N GLY B 383 9.58 5.20 -4.99
CA GLY B 383 11.03 5.24 -5.12
C GLY B 383 11.66 3.94 -5.53
N THR B 384 12.87 3.72 -5.02
CA THR B 384 13.61 2.50 -5.31
C THR B 384 13.32 1.51 -4.19
N ASN B 385 12.60 1.96 -3.17
CA ASN B 385 12.27 1.12 -2.01
C ASN B 385 11.63 -0.21 -2.39
N GLY B 386 10.74 -0.19 -3.37
CA GLY B 386 10.09 -1.42 -3.81
C GLY B 386 11.11 -2.43 -4.31
N GLN B 387 12.12 -1.95 -5.03
CA GLN B 387 13.17 -2.83 -5.55
C GLN B 387 13.79 -3.69 -4.46
N HIS B 388 13.66 -3.24 -3.21
CA HIS B 388 14.24 -3.95 -2.09
C HIS B 388 13.19 -4.65 -1.24
N ALA B 389 11.92 -4.35 -1.50
CA ALA B 389 10.86 -4.95 -0.73
C ALA B 389 10.06 -6.06 -1.41
N PHE B 390 9.62 -5.86 -2.66
CA PHE B 390 8.82 -6.89 -3.30
C PHE B 390 9.10 -7.17 -4.77
N TYR B 391 10.02 -6.42 -5.37
CA TYR B 391 10.34 -6.64 -6.78
C TYR B 391 10.79 -8.09 -7.00
N GLN B 392 11.31 -8.71 -5.94
CA GLN B 392 11.73 -10.11 -5.99
C GLN B 392 10.61 -10.97 -6.58
N LEU B 393 9.40 -10.81 -6.07
CA LEU B 393 8.26 -11.58 -6.58
C LEU B 393 7.82 -11.10 -7.96
N ILE B 394 8.11 -9.84 -8.30
CA ILE B 394 7.71 -9.36 -9.61
C ILE B 394 8.65 -9.96 -10.65
N HIS B 395 9.93 -10.03 -10.31
CA HIS B 395 10.91 -10.61 -11.24
C HIS B 395 10.88 -12.14 -11.30
N GLN B 396 10.99 -12.78 -10.14
CA GLN B 396 11.03 -14.24 -10.09
C GLN B 396 9.87 -14.97 -9.40
N GLY B 397 8.73 -14.31 -9.27
CA GLY B 397 7.60 -14.98 -8.66
C GLY B 397 6.87 -15.79 -9.72
N THR B 398 5.61 -16.14 -9.44
CA THR B 398 4.81 -16.90 -10.39
C THR B 398 3.55 -16.14 -10.83
N LYS B 399 3.53 -14.82 -10.61
CA LYS B 399 2.36 -14.00 -10.98
C LYS B 399 2.72 -12.95 -12.05
N MET B 400 1.92 -12.86 -13.11
CA MET B 400 2.17 -11.85 -14.15
C MET B 400 1.59 -10.55 -13.57
N ILE B 401 2.41 -9.52 -13.48
CA ILE B 401 1.95 -8.27 -12.88
C ILE B 401 2.25 -7.00 -13.67
N PRO B 402 1.25 -6.48 -14.40
CA PRO B 402 1.41 -5.26 -15.20
C PRO B 402 1.90 -4.12 -14.30
N CYS B 403 2.95 -3.42 -14.72
CA CYS B 403 3.50 -2.34 -13.92
C CYS B 403 3.65 -1.00 -14.62
N ASP B 404 3.17 0.04 -13.96
CA ASP B 404 3.27 1.39 -14.47
C ASP B 404 4.38 2.05 -13.65
N PHE B 405 5.48 2.39 -14.32
CA PHE B 405 6.59 3.08 -13.66
C PHE B 405 6.48 4.55 -14.04
N LEU B 406 6.42 5.43 -13.04
CA LEU B 406 6.31 6.86 -13.32
C LEU B 406 7.48 7.63 -12.70
N ILE B 407 7.92 8.68 -13.37
CA ILE B 407 9.02 9.48 -12.84
C ILE B 407 9.20 10.82 -13.55
N PRO B 408 9.63 11.85 -12.80
CA PRO B 408 9.85 13.18 -13.38
C PRO B 408 11.29 13.27 -13.86
N VAL B 409 11.52 13.96 -14.97
CA VAL B 409 12.88 14.10 -15.46
C VAL B 409 13.75 14.88 -14.46
N GLN B 410 13.24 15.98 -13.93
CA GLN B 410 14.01 16.78 -12.98
C GLN B 410 13.28 16.88 -11.64
N THR B 411 14.02 16.71 -10.54
CA THR B 411 13.44 16.78 -9.19
C THR B 411 13.36 18.16 -8.61
N GLN B 412 12.68 18.23 -7.47
CA GLN B 412 12.50 19.45 -6.73
C GLN B 412 13.75 19.67 -5.87
N HIS B 413 14.59 18.64 -5.73
CA HIS B 413 15.80 18.75 -4.92
C HIS B 413 17.06 18.17 -5.56
N PRO B 414 17.63 18.87 -6.55
CA PRO B 414 18.83 18.39 -7.22
C PRO B 414 20.07 18.52 -6.35
N ILE B 415 20.04 17.93 -5.17
CA ILE B 415 21.18 17.99 -4.25
C ILE B 415 22.39 17.21 -4.80
N ARG B 416 23.57 17.49 -4.28
CA ARG B 416 24.80 16.82 -4.71
C ARG B 416 25.00 16.91 -6.22
N LYS B 417 24.63 18.05 -6.79
CA LYS B 417 24.76 18.26 -8.23
C LYS B 417 23.94 17.25 -9.05
N GLY B 418 22.81 16.81 -8.51
CA GLY B 418 21.94 15.87 -9.21
C GLY B 418 22.33 14.39 -9.22
N LEU B 419 23.22 14.01 -8.32
CA LEU B 419 23.69 12.62 -8.21
C LEU B 419 22.57 11.69 -7.75
N HIS B 420 21.81 12.12 -6.75
CA HIS B 420 20.73 11.28 -6.24
C HIS B 420 19.70 10.98 -7.33
N HIS B 421 19.25 12.03 -8.00
CA HIS B 421 18.25 11.87 -9.04
C HIS B 421 18.81 11.07 -10.22
N LYS B 422 20.12 11.13 -10.41
CA LYS B 422 20.79 10.41 -11.49
C LYS B 422 20.67 8.91 -11.23
N ILE B 423 20.95 8.51 -10.00
CA ILE B 423 20.88 7.10 -9.61
C ILE B 423 19.41 6.65 -9.66
N LEU B 424 18.52 7.54 -9.23
CA LEU B 424 17.09 7.26 -9.21
C LEU B 424 16.58 6.98 -10.63
N LEU B 425 17.00 7.81 -11.58
CA LEU B 425 16.60 7.64 -12.98
C LEU B 425 17.16 6.32 -13.55
N ALA B 426 18.42 6.05 -13.28
CA ALA B 426 19.05 4.82 -13.77
C ALA B 426 18.25 3.59 -13.33
N ASN B 427 17.91 3.51 -12.04
CA ASN B 427 17.13 2.38 -11.53
C ASN B 427 15.76 2.32 -12.22
N PHE B 428 15.13 3.48 -12.38
CA PHE B 428 13.82 3.56 -13.03
C PHE B 428 13.90 2.95 -14.43
N LEU B 429 14.97 3.26 -15.14
CA LEU B 429 15.20 2.75 -16.49
C LEU B 429 15.57 1.28 -16.49
N ALA B 430 16.52 0.93 -15.62
CA ALA B 430 17.03 -0.42 -15.52
C ALA B 430 15.99 -1.47 -15.13
N GLN B 431 15.08 -1.11 -14.24
CA GLN B 431 14.08 -2.07 -13.80
C GLN B 431 13.14 -2.56 -14.89
N THR B 432 12.62 -1.68 -15.73
CA THR B 432 11.72 -2.12 -16.80
C THR B 432 12.55 -2.87 -17.85
N GLU B 433 13.82 -2.49 -17.98
CA GLU B 433 14.68 -3.17 -18.94
C GLU B 433 14.87 -4.61 -18.48
N ALA B 434 15.17 -4.77 -17.18
CA ALA B 434 15.38 -6.10 -16.60
C ALA B 434 14.09 -6.92 -16.65
N LEU B 435 12.98 -6.27 -16.34
CA LEU B 435 11.68 -6.92 -16.35
C LEU B 435 11.37 -7.45 -17.73
N MET B 436 11.94 -6.80 -18.75
CA MET B 436 11.71 -7.22 -20.12
C MET B 436 12.73 -8.22 -20.63
N LYS B 437 14.00 -7.87 -20.51
CA LYS B 437 15.12 -8.70 -20.96
C LYS B 437 15.28 -10.01 -20.17
N GLY B 438 15.36 -9.89 -18.85
CA GLY B 438 15.53 -11.06 -18.03
C GLY B 438 16.96 -11.52 -18.24
N LYS B 439 17.27 -12.76 -17.86
CA LYS B 439 18.60 -13.31 -18.04
C LYS B 439 18.47 -14.82 -18.24
N SER B 440 18.83 -15.27 -19.44
CA SER B 440 18.75 -16.66 -19.82
C SER B 440 19.69 -17.55 -19.03
N THR B 441 19.44 -18.85 -19.13
CA THR B 441 20.24 -19.86 -18.44
C THR B 441 21.70 -19.80 -18.88
N GLU B 442 21.94 -19.54 -20.16
CA GLU B 442 23.31 -19.48 -20.66
C GLU B 442 24.03 -18.21 -20.22
N GLU B 443 23.35 -17.07 -20.28
CA GLU B 443 23.95 -15.80 -19.86
C GLU B 443 24.31 -15.88 -18.39
N ALA B 444 23.44 -16.49 -17.60
CA ALA B 444 23.71 -16.63 -16.18
C ALA B 444 24.92 -17.52 -15.98
N ARG B 445 24.92 -18.69 -16.63
CA ARG B 445 26.04 -19.61 -16.51
C ARG B 445 27.33 -18.91 -16.90
N LYS B 446 27.27 -18.17 -18.00
CA LYS B 446 28.44 -17.45 -18.48
C LYS B 446 28.97 -16.47 -17.42
N GLU B 447 28.13 -16.15 -16.44
CA GLU B 447 28.52 -15.23 -15.38
C GLU B 447 29.20 -15.99 -14.25
N LEU B 448 28.66 -17.15 -13.90
CA LEU B 448 29.23 -17.98 -12.84
C LEU B 448 30.55 -18.61 -13.29
N GLN B 449 30.79 -18.60 -14.60
CA GLN B 449 32.01 -19.13 -15.19
C GLN B 449 33.04 -18.03 -14.94
N ALA B 450 32.65 -16.81 -15.30
CA ALA B 450 33.49 -15.63 -15.14
C ALA B 450 33.88 -15.42 -13.68
N ALA B 451 32.87 -15.37 -12.82
CA ALA B 451 33.10 -15.15 -11.40
C ALA B 451 34.07 -16.20 -10.83
N GLY B 452 34.20 -17.33 -11.51
CA GLY B 452 35.10 -18.37 -11.04
C GLY B 452 34.51 -19.38 -10.07
N LYS B 453 33.22 -19.68 -10.21
CA LYS B 453 32.54 -20.66 -9.36
C LYS B 453 32.96 -22.09 -9.63
N SER B 454 32.84 -22.94 -8.62
CA SER B 454 33.20 -24.36 -8.73
C SER B 454 32.16 -25.07 -9.59
N PRO B 455 32.46 -26.32 -10.00
CA PRO B 455 31.48 -27.05 -10.80
C PRO B 455 30.24 -27.34 -9.97
N GLU B 456 30.40 -27.36 -8.65
CA GLU B 456 29.29 -27.63 -7.76
C GLU B 456 28.49 -26.35 -7.56
N ASP B 457 29.18 -25.30 -7.12
CA ASP B 457 28.54 -24.01 -6.86
C ASP B 457 27.66 -23.53 -8.00
N LEU B 458 28.26 -23.36 -9.18
CA LEU B 458 27.53 -22.91 -10.37
C LEU B 458 26.29 -23.75 -10.60
N MET B 459 26.41 -25.05 -10.34
CA MET B 459 25.32 -26.00 -10.53
C MET B 459 24.08 -25.71 -9.71
N LYS B 460 24.22 -25.76 -8.39
CA LYS B 460 23.10 -25.54 -7.48
C LYS B 460 22.66 -24.09 -7.45
N LEU B 461 23.44 -23.23 -8.07
CA LEU B 461 23.12 -21.81 -8.07
C LEU B 461 22.55 -21.31 -9.39
N LEU B 462 22.86 -22.01 -10.48
CA LEU B 462 22.43 -21.60 -11.82
C LEU B 462 20.96 -21.24 -12.04
N PRO B 463 20.04 -22.17 -11.77
CA PRO B 463 18.61 -21.87 -11.98
C PRO B 463 18.12 -20.62 -11.23
N HIS B 464 18.47 -20.54 -9.95
CA HIS B 464 18.06 -19.45 -9.08
C HIS B 464 18.50 -18.08 -9.59
N LYS B 465 19.52 -18.06 -10.43
CA LYS B 465 20.02 -16.79 -10.97
C LYS B 465 19.47 -16.49 -12.35
N VAL B 466 18.43 -17.21 -12.74
CA VAL B 466 17.79 -17.05 -14.04
C VAL B 466 16.54 -16.17 -13.96
N PHE B 467 16.48 -15.20 -14.87
CA PHE B 467 15.33 -14.29 -14.95
C PHE B 467 14.65 -14.58 -16.30
N GLU B 468 13.46 -15.15 -16.25
CA GLU B 468 12.72 -15.48 -17.48
C GLU B 468 12.21 -14.22 -18.19
N GLY B 469 12.21 -13.11 -17.47
CA GLY B 469 11.75 -11.86 -18.03
C GLY B 469 10.36 -11.90 -18.62
N ASN B 470 10.19 -11.21 -19.74
CA ASN B 470 8.92 -11.12 -20.45
C ASN B 470 7.80 -10.52 -19.60
N ARG B 471 8.17 -9.71 -18.62
CA ARG B 471 7.22 -9.05 -17.73
C ARG B 471 6.99 -7.61 -18.22
N PRO B 472 5.79 -7.35 -18.74
CA PRO B 472 5.29 -6.08 -19.29
C PRO B 472 5.18 -4.88 -18.37
N THR B 473 5.66 -3.74 -18.87
CA THR B 473 5.59 -2.49 -18.11
C THR B 473 5.23 -1.31 -19.01
N ASN B 474 4.81 -0.24 -18.36
CA ASN B 474 4.51 1.01 -19.04
C ASN B 474 5.48 1.98 -18.39
N SER B 475 6.10 2.86 -19.17
CA SER B 475 7.00 3.86 -18.58
C SER B 475 6.39 5.23 -18.88
N ILE B 476 6.07 5.97 -17.82
CA ILE B 476 5.48 7.28 -17.95
C ILE B 476 6.42 8.34 -17.37
N VAL B 477 7.12 9.04 -18.26
CA VAL B 477 8.07 10.06 -17.85
C VAL B 477 7.54 11.44 -18.20
N PHE B 478 7.74 12.38 -17.28
CA PHE B 478 7.30 13.76 -17.48
C PHE B 478 8.42 14.70 -17.06
N THR B 479 8.47 15.86 -17.70
CA THR B 479 9.50 16.84 -17.46
C THR B 479 9.74 17.17 -15.99
N LYS B 480 8.66 17.44 -15.26
CA LYS B 480 8.76 17.76 -13.83
C LYS B 480 7.38 17.61 -13.19
N LEU B 481 7.38 17.24 -11.91
CA LEU B 481 6.13 17.04 -11.18
C LEU B 481 5.65 18.35 -10.55
N THR B 482 4.98 19.15 -11.38
CA THR B 482 4.43 20.44 -10.99
C THR B 482 2.93 20.24 -10.79
N PRO B 483 2.25 21.26 -10.24
CA PRO B 483 0.81 21.19 -10.01
C PRO B 483 0.02 20.87 -11.30
N PHE B 484 0.48 21.44 -12.41
CA PHE B 484 -0.17 21.23 -13.71
C PHE B 484 0.00 19.78 -14.16
N ILE B 485 1.24 19.30 -14.21
CA ILE B 485 1.50 17.92 -14.63
C ILE B 485 0.80 16.92 -13.70
N LEU B 486 0.93 17.13 -12.40
CA LEU B 486 0.28 16.25 -11.43
C LEU B 486 -1.20 16.21 -11.75
N GLY B 487 -1.79 17.39 -11.96
CA GLY B 487 -3.19 17.47 -12.31
C GLY B 487 -3.47 16.74 -13.62
N ALA B 488 -2.50 16.77 -14.54
CA ALA B 488 -2.65 16.10 -15.83
C ALA B 488 -2.60 14.59 -15.62
N LEU B 489 -1.62 14.16 -14.81
CA LEU B 489 -1.44 12.74 -14.50
C LEU B 489 -2.65 12.10 -13.82
N ILE B 490 -3.23 12.81 -12.86
CA ILE B 490 -4.40 12.30 -12.16
C ILE B 490 -5.60 12.16 -13.12
N ALA B 491 -5.83 13.20 -13.91
CA ALA B 491 -6.93 13.17 -14.87
C ALA B 491 -6.76 12.00 -15.83
N MET B 492 -5.54 11.82 -16.30
CA MET B 492 -5.22 10.72 -17.23
C MET B 492 -5.75 9.38 -16.70
N TYR B 493 -5.42 9.04 -15.47
CA TYR B 493 -5.88 7.79 -14.88
C TYR B 493 -7.39 7.78 -14.64
N GLU B 494 -7.94 8.91 -14.26
CA GLU B 494 -9.38 8.98 -14.04
C GLU B 494 -10.08 8.49 -15.31
N HIS B 495 -9.61 8.96 -16.46
CA HIS B 495 -10.20 8.57 -17.73
C HIS B 495 -9.86 7.15 -18.14
N LYS B 496 -8.71 6.63 -17.71
CA LYS B 496 -8.36 5.25 -18.02
C LYS B 496 -9.42 4.41 -17.34
N ILE B 497 -9.74 4.80 -16.10
CA ILE B 497 -10.74 4.12 -15.28
C ILE B 497 -12.13 4.21 -15.94
N PHE B 498 -12.40 5.36 -16.54
CA PHE B 498 -13.66 5.57 -17.23
C PHE B 498 -13.79 4.64 -18.44
N VAL B 499 -12.75 4.59 -19.26
CA VAL B 499 -12.79 3.74 -20.46
C VAL B 499 -12.99 2.28 -20.12
N GLN B 500 -12.27 1.76 -19.14
CA GLN B 500 -12.42 0.37 -18.77
C GLN B 500 -13.84 0.10 -18.31
N GLY B 501 -14.38 0.99 -17.48
CA GLY B 501 -15.74 0.83 -17.00
C GLY B 501 -16.76 0.79 -18.12
N VAL B 502 -16.54 1.59 -19.16
CA VAL B 502 -17.44 1.62 -20.31
C VAL B 502 -17.32 0.32 -21.10
N VAL B 503 -16.10 -0.20 -21.21
CA VAL B 503 -15.86 -1.44 -21.93
C VAL B 503 -16.53 -2.63 -21.24
N TRP B 504 -16.55 -2.61 -19.91
CA TRP B 504 -17.17 -3.68 -19.14
C TRP B 504 -18.66 -3.42 -18.96
N ASP B 505 -19.12 -2.28 -19.48
CA ASP B 505 -20.52 -1.89 -19.37
C ASP B 505 -20.99 -1.83 -17.91
N ILE B 506 -20.16 -1.28 -17.02
CA ILE B 506 -20.51 -1.16 -15.61
C ILE B 506 -20.59 0.32 -15.23
N ASN B 507 -21.19 0.61 -14.08
CA ASN B 507 -21.30 2.00 -13.65
C ASN B 507 -20.19 2.32 -12.69
N SER B 508 -19.12 2.94 -13.21
CA SER B 508 -17.94 3.30 -12.43
C SER B 508 -18.13 4.35 -11.36
N PHE B 509 -19.32 4.95 -11.27
CA PHE B 509 -19.53 6.01 -10.30
C PHE B 509 -20.50 5.66 -9.18
N ASP B 510 -20.53 4.35 -8.89
CA ASP B 510 -21.36 3.67 -7.87
C ASP B 510 -20.55 3.23 -6.66
N GLN B 511 -21.18 3.12 -5.51
CA GLN B 511 -20.51 2.64 -4.30
C GLN B 511 -21.53 1.89 -3.48
N TRP B 512 -22.32 1.02 -4.12
CA TRP B 512 -23.34 0.25 -3.41
C TRP B 512 -22.73 -0.83 -2.52
N GLY B 513 -21.55 -1.33 -2.88
CA GLY B 513 -20.92 -2.37 -2.08
C GLY B 513 -20.51 -1.94 -0.68
N VAL B 514 -20.90 -0.77 -0.30
CA VAL B 514 -20.58 -0.16 0.97
C VAL B 514 -21.63 -0.30 2.08
N GLU B 515 -22.91 -0.28 1.71
CA GLU B 515 -23.95 -0.24 2.71
C GLU B 515 -24.01 -1.41 3.66
N LEU B 516 -23.87 -2.64 3.18
CA LEU B 516 -24.02 -3.80 4.06
C LEU B 516 -23.16 -3.66 5.33
N GLY B 517 -21.90 -3.30 5.14
CA GLY B 517 -20.98 -3.14 6.26
C GLY B 517 -21.47 -2.07 7.22
N LYS B 518 -21.88 -0.93 6.69
CA LYS B 518 -22.36 0.16 7.53
C LYS B 518 -23.55 -0.23 8.40
N GLN B 519 -24.57 -0.85 7.79
CA GLN B 519 -25.77 -1.22 8.54
C GLN B 519 -25.53 -2.31 9.58
N LEU B 520 -24.78 -3.35 9.23
CA LEU B 520 -24.50 -4.40 10.21
C LEU B 520 -23.66 -3.77 11.32
N ALA B 521 -22.96 -2.69 10.97
CA ALA B 521 -22.12 -2.00 11.95
C ALA B 521 -23.00 -1.30 12.98
N LYS B 522 -23.96 -0.53 12.50
CA LYS B 522 -24.87 0.19 13.36
C LYS B 522 -25.58 -0.79 14.30
N LYS B 523 -25.91 -1.96 13.77
CA LYS B 523 -26.61 -3.01 14.52
C LYS B 523 -25.80 -3.57 15.69
N ILE B 524 -24.48 -3.59 15.54
CA ILE B 524 -23.57 -4.12 16.55
C ILE B 524 -23.15 -3.13 17.62
N GLU B 525 -23.07 -1.84 17.28
CA GLU B 525 -22.65 -0.81 18.23
C GLU B 525 -23.28 -0.85 19.63
N PRO B 526 -24.62 -0.94 19.72
CA PRO B 526 -25.24 -0.98 21.05
C PRO B 526 -25.04 -2.32 21.76
N GLU B 527 -24.80 -3.38 20.99
CA GLU B 527 -24.61 -4.70 21.58
C GLU B 527 -23.26 -4.79 22.29
N LEU B 528 -22.35 -3.88 21.95
CA LEU B 528 -21.04 -3.87 22.56
C LEU B 528 -21.09 -3.32 23.98
N ASP B 529 -22.13 -2.55 24.29
CA ASP B 529 -22.30 -1.98 25.64
C ASP B 529 -22.65 -3.10 26.59
N GLY B 530 -22.26 -2.95 27.85
CA GLY B 530 -22.57 -3.97 28.85
C GLY B 530 -21.63 -5.16 28.75
N SER B 531 -21.82 -6.12 29.66
CA SER B 531 -20.98 -7.30 29.66
C SER B 531 -21.73 -8.60 29.42
N SER B 532 -23.01 -8.52 29.08
CA SER B 532 -23.78 -9.72 28.82
C SER B 532 -23.38 -10.23 27.43
N PRO B 533 -23.24 -11.56 27.29
CA PRO B 533 -22.86 -12.15 25.99
C PRO B 533 -23.90 -11.96 24.89
N VAL B 534 -23.42 -11.76 23.67
CA VAL B 534 -24.28 -11.56 22.52
C VAL B 534 -24.45 -12.93 21.82
N THR B 535 -25.65 -13.22 21.34
CA THR B 535 -25.92 -14.51 20.69
C THR B 535 -26.77 -14.38 19.42
N SER B 536 -27.17 -13.15 19.10
CA SER B 536 -28.02 -12.90 17.93
C SER B 536 -27.37 -13.12 16.56
N HIS B 537 -26.04 -13.20 16.50
CA HIS B 537 -25.32 -13.38 15.24
C HIS B 537 -24.83 -14.81 15.01
N ASP B 538 -24.03 -14.98 13.97
CA ASP B 538 -23.42 -16.27 13.64
C ASP B 538 -22.41 -16.55 14.76
N SER B 539 -22.07 -17.82 14.97
CA SER B 539 -21.15 -18.17 16.05
C SER B 539 -19.84 -17.36 16.07
N SER B 540 -19.29 -17.07 14.89
CA SER B 540 -18.05 -16.31 14.79
C SER B 540 -18.20 -14.87 15.29
N THR B 541 -19.21 -14.15 14.78
CA THR B 541 -19.42 -12.78 15.23
C THR B 541 -19.71 -12.79 16.72
N ASN B 542 -20.49 -13.76 17.20
CA ASN B 542 -20.77 -13.85 18.62
C ASN B 542 -19.45 -14.02 19.39
N GLY B 543 -18.66 -14.99 18.95
CA GLY B 543 -17.40 -15.28 19.60
C GLY B 543 -16.49 -14.07 19.67
N LEU B 544 -16.34 -13.39 18.54
CA LEU B 544 -15.50 -12.21 18.48
C LEU B 544 -16.03 -11.15 19.46
N ILE B 545 -17.34 -10.90 19.43
CA ILE B 545 -17.92 -9.91 20.33
C ILE B 545 -17.69 -10.30 21.80
N ASN B 546 -17.92 -11.56 22.13
CA ASN B 546 -17.73 -12.00 23.51
C ASN B 546 -16.28 -12.02 23.96
N PHE B 547 -15.37 -12.34 23.05
CA PHE B 547 -13.96 -12.35 23.42
C PHE B 547 -13.59 -10.92 23.77
N ILE B 548 -14.21 -9.99 23.05
CA ILE B 548 -13.99 -8.57 23.24
C ILE B 548 -14.48 -8.11 24.62
N LYS B 549 -15.74 -8.39 24.94
CA LYS B 549 -16.27 -7.99 26.24
C LYS B 549 -15.43 -8.60 27.37
N GLN B 550 -14.97 -9.84 27.14
CA GLN B 550 -14.15 -10.54 28.13
C GLN B 550 -12.81 -9.83 28.35
N GLN B 551 -12.12 -9.51 27.26
CA GLN B 551 -10.81 -8.87 27.36
C GLN B 551 -10.89 -7.35 27.47
N ARG B 552 -12.08 -6.80 27.40
CA ARG B 552 -12.28 -5.35 27.48
C ARG B 552 -11.64 -4.71 28.72
N GLU B 553 -11.69 -5.39 29.87
CA GLU B 553 -11.12 -4.80 31.07
C GLU B 553 -9.97 -5.51 31.77
N ALA B 554 -9.29 -6.41 31.06
CA ALA B 554 -8.15 -7.13 31.62
C ALA B 554 -6.97 -6.15 31.60
N LYS B 555 -6.00 -6.34 32.48
CA LYS B 555 -4.85 -5.44 32.51
C LYS B 555 -3.55 -6.20 32.50
#